data_7VFM
#
_entry.id   7VFM
#
_cell.length_a   42.660
_cell.length_b   206.662
_cell.length_c   65.935
_cell.angle_alpha   90.000
_cell.angle_beta   104.830
_cell.angle_gamma   90.000
#
_symmetry.space_group_name_H-M   'P 1 21 1'
#
loop_
_entity.id
_entity.type
_entity.pdbx_description
1 polymer 'Glycosyl transferase, group 1 family protein'
2 polymer SER-ASP-SER-ASP
3 non-polymer "URIDINE-5'-DIPHOSPHATE"
4 water water
#
loop_
_entity_poly.entity_id
_entity_poly.type
_entity_poly.pdbx_seq_one_letter_code
_entity_poly.pdbx_strand_id
1 'polypeptide(L)'
;SMNYFVGNSLGVNLTGIEKAIINRLNLFKEMGRPAQCVFLSWNRYLYRNAQNYITSSDYINMYDFFQEATYLERNEPFDW
LSYWTDECHYTLKHVENSHDFRIYDQERFLMYAHFQDPKYRILDYVNHFDSQRRKVKRDFYDVRGFLSCSRILVDKQQTL
CEFFYNPEGDTKLEKYFSYKDGKPEVQKIIVYYANKQYFFNNETELGAFFIKQLYQHGDLFFSDRNVYTAPIFNLTPESI
PVVAVLHSTHIKNIDALDSSPFKNVYKAMFENLSRYRAIIVSTEQQKLDVEKRINHTIPVVNIPVGYSETIDTPVQTLDQ
RSVKLISVARYSPEKQLHQQIELIKRLVSYVPKIELHMYGFGSESKKLNELIQKYGLENHVYLRGFLSNLDQEYSDAYLS
LITSNMEGFSLALLESLAHGVPVISYDIKYGPNELITSDFNGYLITKNDEDALFDKVKYVIDHPEVQQRLSKGSLAKAQQ
YSKASLIKQWDQFVRLILEHHHHHH
;
A,C
2 'polypeptide(L)' DSDSD E,G
#
loop_
_chem_comp.id
_chem_comp.type
_chem_comp.name
_chem_comp.formula
UDP RNA linking URIDINE-5'-DIPHOSPHATE 'C9 H14 N2 O12 P2'
#
# COMPACT_ATOMS: atom_id res chain seq x y z
N SER A 1 33.38 -3.51 -19.37
CA SER A 1 34.45 -3.48 -18.30
C SER A 1 34.25 -2.34 -17.27
N MET A 2 33.52 -2.64 -16.19
CA MET A 2 33.18 -1.64 -15.19
C MET A 2 33.69 -2.09 -13.82
N ASN A 3 34.21 -1.11 -13.06
CA ASN A 3 34.76 -1.31 -11.72
C ASN A 3 33.82 -0.67 -10.71
N TYR A 4 33.27 -1.49 -9.84
CA TYR A 4 32.25 -1.05 -8.88
C TYR A 4 32.86 -1.04 -7.48
N PHE A 5 32.88 0.14 -6.85
CA PHE A 5 33.28 0.30 -5.47
C PHE A 5 32.02 0.35 -4.58
N VAL A 6 31.78 -0.72 -3.85
CA VAL A 6 30.50 -0.90 -3.18
C VAL A 6 30.67 -0.53 -1.69
N GLY A 7 30.20 0.65 -1.32
CA GLY A 7 29.98 1.03 0.08
C GLY A 7 28.51 1.02 0.39
N ASN A 8 28.08 1.94 1.24
CA ASN A 8 26.72 1.84 1.76
C ASN A 8 25.94 3.12 1.46
N SER A 9 26.42 4.26 1.91
CA SER A 9 25.84 5.52 1.47
C SER A 9 26.92 6.56 1.46
N LEU A 10 26.49 7.83 1.48
CA LEU A 10 27.31 9.02 1.73
C LEU A 10 26.52 9.88 2.70
N GLY A 11 27.13 10.27 3.80
CA GLY A 11 26.48 11.16 4.74
C GLY A 11 26.71 12.61 4.42
N VAL A 12 26.28 13.48 5.33
CA VAL A 12 26.64 14.89 5.18
C VAL A 12 28.11 15.07 5.48
N ASN A 13 28.61 14.40 6.51
CA ASN A 13 30.04 14.33 6.79
C ASN A 13 30.55 12.99 6.31
N LEU A 14 31.47 12.99 5.37
CA LEU A 14 31.93 11.73 4.83
C LEU A 14 32.76 11.00 5.88
N THR A 15 32.50 9.70 6.04
CA THR A 15 33.40 8.84 6.80
C THR A 15 34.68 8.51 6.02
N GLY A 16 35.63 7.90 6.75
CA GLY A 16 36.84 7.39 6.13
C GLY A 16 36.59 6.54 4.90
N ILE A 17 35.64 5.61 4.98
CA ILE A 17 35.46 4.69 3.87
C ILE A 17 34.87 5.42 2.68
N GLU A 18 33.87 6.26 2.91
CA GLU A 18 33.27 7.08 1.87
C GLU A 18 34.31 7.97 1.21
N LYS A 19 35.18 8.61 2.00
CA LYS A 19 36.32 9.32 1.41
C LYS A 19 37.16 8.40 0.56
N ALA A 20 37.48 7.20 1.09
CA ALA A 20 38.34 6.30 0.33
C ALA A 20 37.67 5.86 -0.98
N ILE A 21 36.36 5.67 -0.98
CA ILE A 21 35.68 5.24 -2.19
C ILE A 21 35.72 6.34 -3.26
N ILE A 22 35.41 7.58 -2.86
CA ILE A 22 35.47 8.73 -3.77
C ILE A 22 36.88 8.94 -4.31
N ASN A 23 37.88 8.88 -3.43
CA ASN A 23 39.25 9.07 -3.89
C ASN A 23 39.64 8.00 -4.87
N ARG A 24 39.27 6.75 -4.60
CA ARG A 24 39.57 5.74 -5.60
C ARG A 24 38.84 6.00 -6.93
N LEU A 25 37.62 6.54 -6.87
CA LEU A 25 36.90 6.88 -8.10
C LEU A 25 37.64 7.92 -8.90
N ASN A 26 38.09 8.99 -8.26
CA ASN A 26 38.83 10.05 -8.93
C ASN A 26 40.07 9.50 -9.63
N LEU A 27 40.85 8.70 -8.95
CA LEU A 27 41.99 8.11 -9.61
C LEU A 27 41.57 7.28 -10.81
N PHE A 28 40.50 6.47 -10.67
CA PHE A 28 40.09 5.64 -11.81
C PHE A 28 39.57 6.51 -12.98
N LYS A 29 38.98 7.66 -12.65
CA LYS A 29 38.61 8.62 -13.67
C LYS A 29 39.84 9.07 -14.45
N GLU A 30 40.86 9.56 -13.74
CA GLU A 30 42.09 10.01 -14.39
C GLU A 30 42.73 8.89 -15.22
N MET A 31 42.93 7.75 -14.58
CA MET A 31 43.56 6.62 -15.21
C MET A 31 42.87 6.25 -16.51
N GLY A 32 41.56 6.48 -16.59
CA GLY A 32 40.79 6.14 -17.77
C GLY A 32 40.03 4.83 -17.71
N ARG A 33 39.88 4.23 -16.51
CA ARG A 33 39.06 3.04 -16.37
C ARG A 33 37.64 3.40 -15.92
N PRO A 34 36.62 2.71 -16.44
CA PRO A 34 35.26 2.93 -15.91
C PRO A 34 35.14 2.53 -14.44
N ALA A 35 34.73 3.49 -13.61
CA ALA A 35 34.42 3.23 -12.21
C ALA A 35 33.10 3.92 -11.83
N GLN A 36 32.38 3.28 -10.91
CA GLN A 36 31.25 3.89 -10.24
C GLN A 36 31.22 3.44 -8.79
N CYS A 37 30.71 4.33 -7.94
CA CYS A 37 30.35 4.02 -6.55
C CYS A 37 29.00 3.34 -6.52
N VAL A 38 28.93 2.20 -5.86
CA VAL A 38 27.67 1.51 -5.60
C VAL A 38 27.30 1.76 -4.14
N PHE A 39 26.10 2.27 -3.91
CA PHE A 39 25.52 2.46 -2.59
C PHE A 39 24.29 1.58 -2.43
N LEU A 40 24.09 1.15 -1.21
CA LEU A 40 23.14 0.09 -0.90
C LEU A 40 21.91 0.63 -0.20
N SER A 41 22.06 1.42 0.84
CA SER A 41 20.91 1.81 1.64
C SER A 41 19.97 2.82 0.97
N TRP A 42 18.76 2.87 1.52
CA TRP A 42 17.79 3.84 1.10
C TRP A 42 18.09 5.19 1.74
N ASN A 43 18.45 6.15 0.91
CA ASN A 43 18.78 7.47 1.39
C ASN A 43 18.28 8.49 0.37
N ARG A 44 17.12 9.07 0.65
CA ARG A 44 16.47 10.06 -0.21
C ARG A 44 17.16 11.41 -0.19
N TYR A 45 18.27 11.52 0.51
CA TYR A 45 19.17 12.67 0.48
C TYR A 45 20.46 12.37 -0.22
N LEU A 46 20.69 11.12 -0.62
CA LEU A 46 21.96 10.75 -1.24
C LEU A 46 22.35 11.69 -2.37
N TYR A 47 21.38 12.17 -3.14
CA TYR A 47 21.76 12.99 -4.28
C TYR A 47 22.28 14.35 -3.84
N ARG A 48 21.76 14.88 -2.75
CA ARG A 48 22.33 16.10 -2.23
C ARG A 48 23.71 15.86 -1.64
N ASN A 49 23.83 14.88 -0.75
CA ASN A 49 25.13 14.63 -0.13
C ASN A 49 26.21 14.35 -1.16
N ALA A 50 25.86 13.71 -2.26
CA ALA A 50 26.82 13.36 -3.28
C ALA A 50 27.27 14.54 -4.11
N GLN A 51 26.46 15.57 -4.20
CA GLN A 51 26.64 16.57 -5.23
C GLN A 51 27.99 17.28 -5.10
N ASN A 52 28.44 17.54 -3.91
CA ASN A 52 29.76 18.16 -3.69
C ASN A 52 30.97 17.26 -3.99
N TYR A 53 30.80 16.04 -4.48
CA TYR A 53 31.93 15.12 -4.63
C TYR A 53 31.91 14.27 -5.91
N ILE A 54 30.75 13.81 -6.36
CA ILE A 54 30.66 12.98 -7.57
C ILE A 54 29.45 13.42 -8.39
N THR A 55 29.35 12.87 -9.58
CA THR A 55 28.24 13.15 -10.48
C THR A 55 27.22 12.00 -10.46
N SER A 56 26.00 12.32 -10.95
CA SER A 56 24.96 11.30 -11.01
C SER A 56 25.38 10.10 -11.85
N SER A 57 26.22 10.31 -12.86
CA SER A 57 26.69 9.21 -13.68
C SER A 57 27.71 8.37 -12.94
N ASP A 58 28.31 8.94 -11.90
CA ASP A 58 29.38 8.32 -11.15
C ASP A 58 28.93 7.29 -10.09
N TYR A 59 27.62 7.14 -9.78
CA TYR A 59 27.17 6.16 -8.78
C TYR A 59 25.82 5.50 -9.09
N ILE A 60 25.66 4.26 -8.67
CA ILE A 60 24.37 3.61 -8.69
C ILE A 60 23.97 3.27 -7.26
N ASN A 61 22.88 3.86 -6.79
CA ASN A 61 22.23 3.46 -5.55
C ASN A 61 21.29 2.31 -5.83
N MET A 62 21.30 1.31 -4.95
CA MET A 62 20.44 0.14 -5.11
C MET A 62 18.98 0.52 -5.18
N TYR A 63 18.47 1.28 -4.28
CA TYR A 63 17.03 1.65 -4.22
C TYR A 63 16.72 2.57 -5.40
N ASP A 64 17.63 3.51 -5.80
CA ASP A 64 17.41 4.35 -7.02
C ASP A 64 17.23 3.36 -8.18
N PHE A 65 18.07 2.37 -8.34
CA PHE A 65 18.04 1.45 -9.48
C PHE A 65 16.67 0.80 -9.65
N PHE A 66 16.11 0.30 -8.58
CA PHE A 66 14.82 -0.39 -8.67
C PHE A 66 13.65 0.58 -8.68
N GLN A 67 13.85 1.83 -8.24
CA GLN A 67 12.90 2.91 -8.37
C GLN A 67 13.05 3.65 -9.71
N GLU A 68 13.87 3.14 -10.62
CA GLU A 68 14.15 3.84 -11.88
C GLU A 68 14.46 5.31 -11.62
N ALA A 69 15.33 5.57 -10.64
CA ALA A 69 15.81 6.92 -10.34
C ALA A 69 17.32 7.02 -10.42
N THR A 70 17.99 5.95 -10.85
CA THR A 70 19.40 6.06 -11.18
C THR A 70 19.62 7.10 -12.28
N TYR A 71 20.61 7.95 -12.06
CA TYR A 71 21.11 9.01 -12.93
C TYR A 71 20.20 10.19 -12.92
N LEU A 72 19.01 10.09 -12.34
CA LEU A 72 18.10 11.24 -12.26
C LEU A 72 18.67 12.36 -11.41
N GLU A 73 18.23 13.59 -11.71
CA GLU A 73 18.68 14.79 -11.01
C GLU A 73 17.48 15.57 -10.48
N ARG A 74 17.64 16.84 -10.14
CA ARG A 74 16.60 17.57 -9.45
C ARG A 74 15.50 18.03 -10.42
N ASN A 75 14.25 17.81 -10.01
CA ASN A 75 13.11 18.45 -10.69
C ASN A 75 13.20 19.99 -10.60
N GLU A 76 12.50 20.66 -11.50
CA GLU A 76 12.18 22.07 -11.26
C GLU A 76 11.38 22.13 -9.96
N PRO A 77 11.68 23.07 -9.06
CA PRO A 77 10.93 23.12 -7.81
C PRO A 77 9.45 23.38 -8.09
N PHE A 78 8.63 23.00 -7.13
CA PHE A 78 7.17 22.85 -7.25
C PHE A 78 6.61 23.52 -6.01
N ASP A 79 5.70 24.48 -6.21
CA ASP A 79 5.12 25.26 -5.11
C ASP A 79 4.03 24.40 -4.49
N TRP A 80 4.43 23.56 -3.54
CA TRP A 80 3.44 22.74 -2.88
C TRP A 80 2.37 23.59 -2.24
N LEU A 81 2.78 24.74 -1.66
CA LEU A 81 1.88 25.62 -0.93
C LEU A 81 0.72 26.09 -1.80
N SER A 82 1.01 26.47 -3.05
CA SER A 82 -0.04 26.98 -3.91
C SER A 82 -0.85 25.84 -4.50
N TYR A 83 -0.22 24.71 -4.80
CA TYR A 83 -0.99 23.52 -5.17
C TYR A 83 -2.03 23.20 -4.10
N TRP A 84 -1.61 23.17 -2.83
CA TRP A 84 -2.54 22.81 -1.76
C TRP A 84 -3.61 23.87 -1.57
N THR A 85 -3.28 25.16 -1.76
CA THR A 85 -4.24 26.25 -1.62
C THR A 85 -5.06 26.52 -2.87
N ASP A 86 -4.39 26.93 -3.95
CA ASP A 86 -5.10 27.38 -5.14
C ASP A 86 -5.74 26.24 -5.91
N GLU A 87 -5.14 25.03 -5.89
CA GLU A 87 -5.68 23.93 -6.67
C GLU A 87 -6.54 23.01 -5.83
N CYS A 88 -6.14 22.76 -4.58
CA CYS A 88 -6.82 21.79 -3.72
C CYS A 88 -7.83 22.44 -2.79
N HIS A 89 -7.76 23.75 -2.60
CA HIS A 89 -8.63 24.48 -1.69
C HIS A 89 -8.49 24.01 -0.24
N TYR A 90 -7.31 23.52 0.11
CA TYR A 90 -7.01 23.19 1.48
C TYR A 90 -6.70 24.47 2.28
N THR A 91 -6.76 24.34 3.61
CA THR A 91 -6.46 25.41 4.54
C THR A 91 -5.14 25.11 5.24
N LEU A 92 -4.15 25.99 5.05
CA LEU A 92 -2.80 25.82 5.58
C LEU A 92 -2.60 26.65 6.83
N LYS A 93 -1.98 26.04 7.84
CA LYS A 93 -1.61 26.69 9.11
C LYS A 93 -0.13 26.44 9.39
N HIS A 94 0.70 27.47 9.17
CA HIS A 94 2.12 27.41 9.51
C HIS A 94 2.29 27.19 11.00
N VAL A 95 3.20 26.27 11.35
CA VAL A 95 3.63 26.10 12.73
C VAL A 95 4.81 27.04 12.93
N GLU A 96 4.78 27.82 14.03
CA GLU A 96 5.86 28.78 14.27
C GLU A 96 7.11 28.05 14.78
N ASN A 97 8.27 28.66 14.52
CA ASN A 97 9.56 28.06 14.84
C ASN A 97 9.77 26.77 14.05
N SER A 98 9.45 26.80 12.76
CA SER A 98 9.60 25.60 11.97
C SER A 98 9.33 25.91 10.51
N HIS A 99 9.59 24.91 9.66
CA HIS A 99 9.25 24.93 8.24
C HIS A 99 8.05 24.01 7.97
N ASP A 100 7.06 24.05 8.88
CA ASP A 100 5.99 23.08 8.88
C ASP A 100 4.64 23.73 8.63
N PHE A 101 3.71 22.90 8.20
CA PHE A 101 2.33 23.27 7.95
C PHE A 101 1.43 22.12 8.34
N ARG A 102 0.33 22.47 9.00
CA ARG A 102 -0.83 21.60 9.10
C ARG A 102 -1.77 21.95 7.95
N ILE A 103 -2.30 20.91 7.31
CA ILE A 103 -3.10 21.06 6.09
C ILE A 103 -4.48 20.53 6.43
N TYR A 104 -5.50 21.35 6.13
CA TYR A 104 -6.89 21.12 6.53
C TYR A 104 -7.80 21.16 5.32
N ASP A 105 -8.83 20.34 5.36
CA ASP A 105 -10.01 20.50 4.50
C ASP A 105 -11.07 21.15 5.39
N GLN A 106 -11.10 22.48 5.37
CA GLN A 106 -11.89 23.25 6.32
C GLN A 106 -11.57 22.80 7.74
N GLU A 107 -12.54 22.30 8.51
CA GLU A 107 -12.28 21.96 9.91
C GLU A 107 -11.46 20.70 10.05
N ARG A 108 -11.37 19.88 9.00
CA ARG A 108 -10.79 18.54 9.09
C ARG A 108 -9.28 18.59 8.96
N PHE A 109 -8.56 18.03 9.94
CA PHE A 109 -7.10 17.97 9.89
C PHE A 109 -6.65 16.79 9.04
N LEU A 110 -5.85 17.07 8.00
CA LEU A 110 -5.55 16.03 7.03
C LEU A 110 -4.12 15.59 7.17
N MET A 111 -3.23 16.57 7.24
CA MET A 111 -1.86 16.34 6.89
C MET A 111 -0.98 17.34 7.59
N TYR A 112 0.23 16.85 7.90
CA TYR A 112 1.32 17.58 8.54
C TYR A 112 2.49 17.49 7.59
N ALA A 113 2.99 18.62 7.12
CA ALA A 113 4.04 18.63 6.11
C ALA A 113 5.31 19.28 6.65
N HIS A 114 6.42 18.56 6.56
CA HIS A 114 7.74 19.13 6.86
C HIS A 114 8.48 19.49 5.58
N PHE A 115 8.84 20.75 5.48
CA PHE A 115 9.77 21.26 4.48
C PHE A 115 11.18 21.30 5.07
N GLN A 116 12.17 20.97 4.22
CA GLN A 116 13.57 21.03 4.62
C GLN A 116 14.06 22.47 4.77
N ASP A 117 13.94 23.26 3.70
CA ASP A 117 14.38 24.65 3.66
C ASP A 117 13.34 25.60 4.28
N PRO A 118 13.74 26.84 4.59
CA PRO A 118 12.76 27.82 5.09
C PRO A 118 12.02 28.53 3.97
N LYS A 119 12.45 28.38 2.72
CA LYS A 119 11.72 28.86 1.55
C LYS A 119 10.69 27.85 1.02
N TYR A 120 10.55 26.72 1.72
CA TYR A 120 9.57 25.69 1.41
C TYR A 120 9.65 25.24 -0.05
N ARG A 121 10.88 25.08 -0.56
CA ARG A 121 11.09 24.57 -1.90
C ARG A 121 11.54 23.11 -1.88
N ILE A 122 11.70 22.52 -0.69
CA ILE A 122 12.15 21.13 -0.56
C ILE A 122 11.19 20.45 0.41
N LEU A 123 10.13 19.88 -0.15
CA LEU A 123 9.22 19.08 0.67
C LEU A 123 10.01 17.89 1.14
N ASP A 124 9.98 17.61 2.45
CA ASP A 124 10.68 16.48 3.06
C ASP A 124 9.75 15.31 3.39
N TYR A 125 8.79 15.52 4.31
CA TYR A 125 7.77 14.50 4.50
C TYR A 125 6.35 15.08 4.66
N VAL A 126 5.38 14.20 4.59
CA VAL A 126 3.98 14.58 4.80
C VAL A 126 3.32 13.42 5.53
N ASN A 127 2.77 13.70 6.69
CA ASN A 127 2.07 12.70 7.47
C ASN A 127 0.57 12.79 7.21
N HIS A 128 -0.08 11.65 7.06
CA HIS A 128 -1.53 11.58 6.91
C HIS A 128 -2.19 11.04 8.17
N PHE A 129 -3.37 11.57 8.50
CA PHE A 129 -4.16 11.21 9.67
C PHE A 129 -5.59 10.80 9.34
N ASP A 130 -6.10 9.83 10.10
CA ASP A 130 -7.46 9.35 9.88
C ASP A 130 -8.39 10.24 10.69
N SER A 131 -9.68 9.88 10.77
CA SER A 131 -10.66 10.74 11.42
C SER A 131 -10.45 10.85 12.93
N GLN A 132 -9.64 9.98 13.53
CA GLN A 132 -9.36 10.04 14.95
C GLN A 132 -7.99 10.62 15.27
N ARG A 133 -7.38 11.30 14.30
CA ARG A 133 -6.04 11.89 14.38
C ARG A 133 -4.96 10.84 14.52
N ARG A 134 -5.28 9.58 14.28
CA ARG A 134 -4.28 8.53 14.22
C ARG A 134 -3.40 8.72 12.96
N LYS A 135 -2.09 8.71 13.12
CA LYS A 135 -1.14 8.89 12.02
C LYS A 135 -0.99 7.57 11.29
N VAL A 136 -1.51 7.52 10.06
CA VAL A 136 -1.63 6.24 9.35
C VAL A 136 -0.58 5.98 8.29
N LYS A 137 -0.04 7.05 7.72
CA LYS A 137 0.94 6.90 6.66
C LYS A 137 1.86 8.11 6.61
N ARG A 138 3.14 7.85 6.30
CA ARG A 138 4.13 8.89 6.12
C ARG A 138 4.69 8.82 4.69
N ASP A 139 4.70 9.98 4.01
CA ASP A 139 5.18 10.10 2.63
C ASP A 139 6.54 10.79 2.67
N PHE A 140 7.58 10.11 2.20
CA PHE A 140 8.96 10.56 2.31
C PHE A 140 9.41 10.92 0.90
N TYR A 141 9.79 12.19 0.72
CA TYR A 141 10.11 12.79 -0.58
C TYR A 141 11.63 12.77 -0.76
N ASP A 142 12.07 12.34 -1.94
CA ASP A 142 13.46 12.48 -2.34
C ASP A 142 13.74 13.96 -2.53
N VAL A 143 14.98 14.39 -2.26
CA VAL A 143 15.36 15.80 -2.43
C VAL A 143 15.20 16.23 -3.89
N ARG A 144 15.37 15.30 -4.82
CA ARG A 144 15.17 15.65 -6.21
C ARG A 144 13.70 15.95 -6.54
N GLY A 145 12.77 15.64 -5.62
CA GLY A 145 11.39 16.09 -5.76
C GLY A 145 10.32 15.03 -5.72
N PHE A 146 10.59 13.83 -6.20
CA PHE A 146 9.52 12.84 -6.20
C PHE A 146 9.29 12.18 -4.83
N LEU A 147 8.11 11.54 -4.70
CA LEU A 147 7.65 10.88 -3.48
C LEU A 147 8.34 9.53 -3.49
N SER A 148 9.29 9.33 -2.61
CA SER A 148 10.15 8.16 -2.73
C SER A 148 9.53 6.96 -2.06
N CYS A 149 9.05 7.12 -0.81
CA CYS A 149 8.60 5.97 -0.05
C CYS A 149 7.38 6.34 0.77
N SER A 150 6.33 5.54 0.69
CA SER A 150 5.30 5.67 1.72
C SER A 150 5.45 4.59 2.78
N ARG A 151 5.20 4.95 4.04
CA ARG A 151 5.34 4.02 5.18
C ARG A 151 4.00 3.94 5.90
N ILE A 152 3.52 2.72 6.07
CA ILE A 152 2.27 2.42 6.75
C ILE A 152 2.58 2.15 8.21
N LEU A 153 1.84 2.80 9.09
CA LEU A 153 2.00 2.72 10.54
C LEU A 153 0.86 1.94 11.20
N VAL A 154 1.20 1.29 12.33
CA VAL A 154 0.29 0.59 13.24
C VAL A 154 0.60 1.04 14.69
N ASP A 155 -0.31 0.72 15.58
CA ASP A 155 -0.10 0.87 17.04
C ASP A 155 0.50 2.24 17.33
N LYS A 156 1.58 2.32 18.11
CA LYS A 156 2.26 3.59 18.50
C LYS A 156 3.28 3.99 17.42
N GLN A 157 2.74 4.45 16.33
CA GLN A 157 3.56 4.89 15.22
C GLN A 157 4.67 3.91 14.89
N GLN A 158 4.35 2.64 14.93
CA GLN A 158 5.29 1.59 14.59
C GLN A 158 5.24 1.33 13.09
N THR A 159 6.41 1.05 12.51
CA THR A 159 6.51 0.79 11.08
C THR A 159 6.05 -0.61 10.74
N LEU A 160 4.99 -0.70 9.94
CA LEU A 160 4.45 -1.99 9.50
C LEU A 160 4.98 -2.43 8.13
N CYS A 161 4.96 -1.52 7.16
CA CYS A 161 5.43 -1.83 5.82
C CYS A 161 5.69 -0.53 5.06
N GLU A 162 6.52 -0.65 4.01
CA GLU A 162 6.96 0.51 3.22
C GLU A 162 6.78 0.20 1.73
N PHE A 163 6.42 1.25 0.98
CA PHE A 163 6.31 1.15 -0.47
C PHE A 163 7.20 2.17 -1.12
N PHE A 164 7.86 1.78 -2.20
CA PHE A 164 8.89 2.57 -2.83
C PHE A 164 8.50 2.74 -4.29
N TYR A 165 8.53 4.00 -4.70
CA TYR A 165 7.96 4.38 -5.99
C TYR A 165 8.94 4.98 -6.97
N ASN A 166 8.86 4.62 -8.24
CA ASN A 166 9.55 5.37 -9.29
C ASN A 166 8.97 6.76 -9.30
N PRO A 167 9.58 7.70 -10.05
CA PRO A 167 9.18 9.10 -9.92
C PRO A 167 7.82 9.38 -10.48
N GLU A 168 7.28 8.50 -11.29
CA GLU A 168 5.97 8.71 -11.86
C GLU A 168 4.89 8.19 -10.93
N GLY A 169 5.24 7.45 -9.89
CA GLY A 169 4.31 7.06 -8.87
C GLY A 169 4.00 5.59 -8.88
N ASP A 170 4.61 4.80 -9.74
CA ASP A 170 4.42 3.35 -9.69
C ASP A 170 5.19 2.71 -8.54
N THR A 171 4.56 1.75 -7.86
CA THR A 171 5.23 1.02 -6.81
C THR A 171 6.22 0.05 -7.41
N LYS A 172 7.51 0.24 -7.04
CA LYS A 172 8.59 -0.67 -7.48
C LYS A 172 9.16 -1.63 -6.42
N LEU A 173 9.07 -1.31 -5.15
CA LEU A 173 9.50 -2.23 -4.11
C LEU A 173 8.53 -2.13 -2.95
N GLU A 174 8.32 -3.31 -2.29
CA GLU A 174 7.52 -3.39 -1.06
C GLU A 174 8.44 -4.00 -0.01
N LYS A 175 8.24 -3.62 1.27
CA LYS A 175 8.98 -4.17 2.39
C LYS A 175 8.01 -4.31 3.54
N TYR A 176 8.09 -5.44 4.27
CA TYR A 176 7.27 -5.70 5.46
C TYR A 176 8.12 -5.96 6.71
N PHE A 177 7.69 -5.44 7.85
CA PHE A 177 8.51 -5.40 9.05
C PHE A 177 7.84 -6.05 10.26
N SER A 178 8.69 -6.53 11.20
CA SER A 178 8.26 -6.96 12.53
C SER A 178 9.27 -6.47 13.55
N TYR A 179 8.79 -6.03 14.71
CA TYR A 179 9.70 -5.40 15.64
C TYR A 179 10.46 -6.40 16.49
N LYS A 180 11.70 -6.03 16.79
CA LYS A 180 12.66 -6.86 17.50
C LYS A 180 13.57 -5.90 18.23
N ASP A 181 13.57 -5.95 19.58
CA ASP A 181 14.40 -5.06 20.41
C ASP A 181 14.02 -3.59 20.19
N GLY A 182 12.72 -3.35 20.05
CA GLY A 182 12.19 -2.02 19.89
C GLY A 182 12.30 -1.44 18.50
N LYS A 183 12.78 -2.19 17.52
CA LYS A 183 13.09 -1.65 16.22
C LYS A 183 12.55 -2.54 15.11
N PRO A 184 12.11 -1.93 14.00
CA PRO A 184 11.63 -2.72 12.86
C PRO A 184 12.74 -3.52 12.21
N GLU A 185 12.46 -4.80 11.95
CA GLU A 185 13.36 -5.68 11.21
C GLU A 185 12.62 -6.12 9.97
N VAL A 186 13.29 -6.08 8.82
CA VAL A 186 12.70 -6.55 7.58
C VAL A 186 12.36 -8.02 7.68
N GLN A 187 11.19 -8.41 7.19
CA GLN A 187 10.80 -9.82 7.09
C GLN A 187 10.48 -10.24 5.67
N LYS A 188 10.29 -9.29 4.77
CA LYS A 188 10.00 -9.64 3.38
C LYS A 188 10.37 -8.48 2.47
N ILE A 189 10.68 -8.79 1.22
CA ILE A 189 10.80 -7.74 0.20
C ILE A 189 10.23 -8.19 -1.13
N ILE A 190 9.40 -7.35 -1.74
CA ILE A 190 8.92 -7.59 -3.10
C ILE A 190 9.48 -6.51 -4.02
N VAL A 191 9.94 -6.93 -5.20
CA VAL A 191 10.56 -6.03 -6.16
C VAL A 191 9.92 -6.24 -7.51
N TYR A 192 9.48 -5.14 -8.12
CA TYR A 192 8.90 -5.16 -9.47
C TYR A 192 9.99 -4.70 -10.42
N TYR A 193 10.59 -5.65 -11.12
CA TYR A 193 11.67 -5.42 -12.08
C TYR A 193 11.41 -6.31 -13.28
N ALA A 194 11.82 -5.84 -14.45
CA ALA A 194 11.78 -6.65 -15.66
C ALA A 194 10.38 -7.21 -15.96
N ASN A 195 9.36 -6.41 -15.69
CA ASN A 195 7.99 -6.85 -15.82
C ASN A 195 7.70 -8.13 -15.06
N LYS A 196 8.42 -8.37 -13.97
CA LYS A 196 8.15 -9.49 -13.10
C LYS A 196 8.10 -9.01 -11.64
N GLN A 197 7.73 -9.90 -10.74
CA GLN A 197 7.84 -9.71 -9.29
C GLN A 197 8.96 -10.64 -8.78
N TYR A 198 9.78 -10.13 -7.86
CA TYR A 198 10.80 -10.95 -7.21
C TYR A 198 10.65 -10.86 -5.71
N PHE A 199 10.93 -11.95 -5.01
CA PHE A 199 10.72 -12.03 -3.57
C PHE A 199 12.00 -12.32 -2.78
N PHE A 200 12.13 -11.66 -1.61
CA PHE A 200 13.30 -11.79 -0.74
C PHE A 200 12.94 -11.74 0.75
N ASN A 201 13.85 -12.25 1.56
CA ASN A 201 13.62 -12.26 2.99
C ASN A 201 14.31 -11.14 3.74
N ASN A 202 15.35 -10.54 3.16
CA ASN A 202 16.12 -9.52 3.84
C ASN A 202 16.81 -8.68 2.79
N GLU A 203 17.50 -7.66 3.27
CA GLU A 203 18.21 -6.74 2.41
C GLU A 203 19.53 -7.32 1.90
N THR A 204 20.09 -8.35 2.56
CA THR A 204 21.26 -9.00 1.95
C THR A 204 20.87 -9.76 0.68
N GLU A 205 19.69 -10.39 0.67
CA GLU A 205 19.31 -11.09 -0.56
C GLU A 205 19.00 -10.12 -1.68
N LEU A 206 18.44 -8.97 -1.37
CA LEU A 206 18.16 -7.98 -2.42
C LEU A 206 19.45 -7.42 -3.00
N GLY A 207 20.38 -7.02 -2.15
CA GLY A 207 21.68 -6.61 -2.67
C GLY A 207 22.32 -7.66 -3.57
N ALA A 208 22.31 -8.92 -3.17
CA ALA A 208 22.88 -9.92 -4.04
C ALA A 208 22.21 -9.91 -5.40
N PHE A 209 20.87 -9.80 -5.42
CA PHE A 209 20.16 -9.63 -6.68
C PHE A 209 20.63 -8.38 -7.39
N PHE A 210 20.70 -7.25 -6.68
CA PHE A 210 21.18 -6.02 -7.30
C PHE A 210 22.51 -6.26 -8.00
N ILE A 211 23.47 -6.83 -7.27
CA ILE A 211 24.83 -7.05 -7.82
C ILE A 211 24.76 -7.85 -9.13
N LYS A 212 24.03 -8.96 -9.12
CA LYS A 212 23.85 -9.77 -10.32
C LYS A 212 23.33 -8.96 -11.50
N GLN A 213 22.42 -8.02 -11.29
CA GLN A 213 21.86 -7.28 -12.40
C GLN A 213 22.84 -6.31 -13.01
N LEU A 214 23.85 -5.91 -12.26
CA LEU A 214 24.85 -4.99 -12.80
C LEU A 214 25.95 -5.72 -13.51
N TYR A 215 26.16 -6.97 -13.10
CA TYR A 215 27.33 -7.67 -13.56
C TYR A 215 27.16 -8.01 -15.03
N GLN A 216 28.09 -7.48 -15.84
CA GLN A 216 28.42 -8.02 -17.15
C GLN A 216 29.79 -8.69 -17.06
N HIS A 217 30.00 -9.74 -17.86
CA HIS A 217 31.32 -10.35 -17.94
C HIS A 217 32.37 -9.27 -18.17
N GLY A 218 33.47 -9.34 -17.40
CA GLY A 218 34.53 -8.35 -17.43
C GLY A 218 34.48 -7.32 -16.33
N ASP A 219 33.32 -7.10 -15.70
CA ASP A 219 33.24 -6.17 -14.59
C ASP A 219 34.10 -6.66 -13.41
N LEU A 220 34.47 -5.70 -12.54
CA LEU A 220 35.14 -6.02 -11.28
C LEU A 220 34.53 -5.30 -10.08
N PHE A 221 34.28 -6.03 -9.02
CA PHE A 221 33.64 -5.46 -7.83
C PHE A 221 34.61 -5.32 -6.67
N PHE A 222 34.43 -4.26 -5.88
CA PHE A 222 35.24 -4.00 -4.68
C PHE A 222 34.33 -3.92 -3.48
N SER A 223 34.56 -4.87 -2.52
CA SER A 223 33.85 -4.91 -1.25
C SER A 223 34.52 -3.96 -0.29
N ASP A 224 33.90 -2.78 -0.15
CA ASP A 224 34.44 -1.78 0.77
C ASP A 224 33.73 -1.60 2.11
N ARG A 225 32.43 -1.88 2.27
CA ARG A 225 31.72 -1.82 3.58
C ARG A 225 31.36 -3.24 4.03
N ASN A 226 32.40 -4.01 4.27
CA ASN A 226 32.32 -5.47 4.35
C ASN A 226 31.29 -5.99 5.38
N VAL A 227 30.95 -5.20 6.39
CA VAL A 227 29.90 -5.67 7.27
C VAL A 227 28.60 -5.90 6.51
N TYR A 228 28.41 -5.19 5.41
CA TYR A 228 27.18 -5.36 4.67
C TYR A 228 27.45 -5.96 3.31
N THR A 229 28.51 -5.52 2.65
CA THR A 229 28.80 -5.90 1.26
C THR A 229 29.34 -7.33 1.30
N ALA A 230 30.04 -7.77 2.33
CA ALA A 230 30.63 -9.12 2.37
C ALA A 230 29.49 -10.16 2.48
N PRO A 231 28.48 -10.07 3.37
CA PRO A 231 27.36 -11.02 3.34
C PRO A 231 26.63 -11.07 1.98
N ILE A 232 26.54 -9.95 1.27
CA ILE A 232 25.91 -9.88 -0.05
C ILE A 232 26.67 -10.67 -1.09
N PHE A 233 27.98 -10.38 -1.27
CA PHE A 233 28.77 -11.15 -2.22
C PHE A 233 28.87 -12.62 -1.83
N ASN A 234 28.85 -12.92 -0.53
CA ASN A 234 28.79 -14.31 -0.10
C ASN A 234 27.54 -15.01 -0.59
N LEU A 235 26.46 -14.32 -1.02
CA LEU A 235 25.20 -14.90 -1.60
C LEU A 235 25.16 -14.73 -3.13
N THR A 236 26.25 -14.31 -3.79
CA THR A 236 26.35 -14.17 -5.28
C THR A 236 27.39 -15.19 -5.79
N PRO A 237 27.33 -15.64 -7.07
CA PRO A 237 28.23 -16.70 -7.54
C PRO A 237 29.71 -16.30 -7.62
N GLU A 238 30.66 -17.23 -7.44
CA GLU A 238 32.11 -17.03 -7.59
C GLU A 238 32.53 -16.60 -9.00
N SER A 239 31.65 -16.73 -9.97
CA SER A 239 31.98 -16.26 -11.30
C SER A 239 32.04 -14.74 -11.37
N ILE A 240 31.46 -14.03 -10.39
CA ILE A 240 31.49 -12.58 -10.28
C ILE A 240 32.71 -12.16 -9.45
N PRO A 241 33.73 -11.53 -10.05
CA PRO A 241 34.97 -11.24 -9.32
C PRO A 241 34.78 -10.10 -8.36
N VAL A 242 35.29 -10.29 -7.14
CA VAL A 242 35.15 -9.26 -6.10
C VAL A 242 36.39 -9.22 -5.19
N VAL A 243 36.85 -8.00 -4.89
CA VAL A 243 38.03 -7.78 -4.06
C VAL A 243 37.56 -7.22 -2.74
N ALA A 244 38.04 -7.80 -1.63
CA ALA A 244 37.78 -7.26 -0.30
C ALA A 244 38.82 -6.20 0.02
N VAL A 245 38.31 -5.03 0.37
CA VAL A 245 39.11 -3.92 0.87
C VAL A 245 38.91 -3.79 2.38
N LEU A 246 39.97 -3.97 3.15
CA LEU A 246 39.86 -3.64 4.56
C LEU A 246 40.34 -2.20 4.82
N HIS A 247 39.68 -1.52 5.74
CA HIS A 247 39.87 -0.09 5.93
C HIS A 247 40.23 0.21 7.36
N SER A 248 40.54 -0.83 8.12
CA SER A 248 41.00 -0.75 9.51
C SER A 248 41.72 -2.05 9.88
N THR A 249 42.06 -2.19 11.15
CA THR A 249 42.74 -3.40 11.62
C THR A 249 41.82 -4.60 11.48
N HIS A 250 42.38 -5.72 11.11
CA HIS A 250 41.54 -6.86 10.80
C HIS A 250 41.14 -7.74 11.98
N ILE A 251 41.76 -7.56 13.17
CA ILE A 251 41.51 -8.42 14.32
C ILE A 251 41.21 -7.57 15.55
N LYS A 252 40.46 -8.18 16.47
CA LYS A 252 40.08 -7.45 17.69
C LYS A 252 41.28 -7.11 18.53
N ASN A 253 42.35 -7.90 18.49
CA ASN A 253 43.55 -7.68 19.31
C ASN A 253 44.82 -7.83 18.45
N ILE A 254 45.42 -6.68 18.15
CA ILE A 254 46.57 -6.61 17.27
C ILE A 254 47.73 -7.34 17.90
N ASP A 255 47.66 -7.56 19.22
CA ASP A 255 48.74 -8.17 19.99
C ASP A 255 48.69 -9.69 20.00
N ALA A 256 47.69 -10.28 19.37
CA ALA A 256 47.62 -11.74 19.22
C ALA A 256 47.38 -12.04 17.74
N LEU A 257 48.41 -11.78 16.94
CA LEU A 257 48.32 -11.89 15.48
C LEU A 257 47.73 -13.22 15.05
N ASP A 258 48.20 -14.33 15.63
CA ASP A 258 47.82 -15.65 15.12
C ASP A 258 46.43 -16.10 15.55
N SER A 259 45.89 -15.53 16.61
CA SER A 259 44.78 -16.19 17.28
C SER A 259 43.59 -15.29 17.56
N SER A 260 43.81 -13.99 17.68
CA SER A 260 42.71 -13.08 17.92
C SER A 260 41.63 -13.29 16.88
N PRO A 261 40.36 -13.35 17.26
CA PRO A 261 39.32 -13.35 16.24
C PRO A 261 39.45 -12.11 15.35
N PHE A 262 38.93 -12.23 14.14
CA PHE A 262 38.78 -11.10 13.24
C PHE A 262 37.76 -10.11 13.81
N LYS A 263 37.87 -8.85 13.42
CA LYS A 263 36.84 -7.89 13.83
C LYS A 263 35.46 -8.33 13.33
N ASN A 264 34.40 -7.91 14.06
CA ASN A 264 33.04 -8.34 13.74
C ASN A 264 32.66 -7.92 12.32
N VAL A 265 33.01 -6.68 11.95
CA VAL A 265 32.70 -6.15 10.65
C VAL A 265 33.35 -6.95 9.52
N TYR A 266 34.42 -7.71 9.75
CA TYR A 266 35.15 -8.47 8.68
C TYR A 266 34.94 -9.97 8.84
N LYS A 267 34.10 -10.46 9.74
CA LYS A 267 33.98 -11.89 10.01
C LYS A 267 33.48 -12.63 8.81
N ALA A 268 32.40 -12.14 8.22
CA ALA A 268 31.80 -12.86 7.10
C ALA A 268 32.72 -12.91 5.88
N MET A 269 33.51 -11.89 5.64
CA MET A 269 34.50 -11.98 4.57
C MET A 269 35.57 -13.03 4.89
N PHE A 270 36.05 -13.04 6.12
CA PHE A 270 37.20 -13.90 6.40
C PHE A 270 36.78 -15.37 6.44
N GLU A 271 35.53 -15.65 6.83
CA GLU A 271 34.98 -17.00 6.86
C GLU A 271 34.66 -17.56 5.46
N ASN A 272 34.78 -16.76 4.41
CA ASN A 272 34.45 -17.23 3.08
C ASN A 272 35.44 -16.65 2.11
N LEU A 273 36.71 -16.73 2.52
CA LEU A 273 37.81 -16.07 1.82
C LEU A 273 37.96 -16.48 0.36
N SER A 274 37.63 -17.74 0.04
CA SER A 274 37.79 -18.20 -1.32
C SER A 274 36.79 -17.53 -2.26
N ARG A 275 35.80 -16.80 -1.73
CA ARG A 275 34.90 -16.03 -2.58
C ARG A 275 35.59 -14.87 -3.28
N TYR A 276 36.65 -14.31 -2.70
CA TYR A 276 37.27 -13.06 -3.10
C TYR A 276 38.61 -13.33 -3.77
N ARG A 277 38.94 -12.47 -4.71
CA ARG A 277 40.12 -12.64 -5.54
C ARG A 277 41.36 -12.19 -4.82
N ALA A 278 41.20 -11.22 -3.94
CA ALA A 278 42.29 -10.64 -3.19
C ALA A 278 41.72 -9.86 -2.03
N ILE A 279 42.62 -9.44 -1.17
CA ILE A 279 42.33 -8.46 -0.15
C ILE A 279 43.27 -7.33 -0.39
N ILE A 280 42.74 -6.12 -0.30
CA ILE A 280 43.53 -4.90 -0.32
C ILE A 280 43.59 -4.26 1.07
N VAL A 281 44.78 -3.96 1.57
CA VAL A 281 44.98 -3.25 2.87
C VAL A 281 45.75 -1.97 2.49
N SER A 282 45.88 -1.00 3.38
CA SER A 282 46.49 0.25 3.07
C SER A 282 47.96 0.31 3.41
N THR A 283 48.53 -0.64 4.17
CA THR A 283 49.95 -0.63 4.56
C THR A 283 50.58 -1.97 4.26
N GLU A 284 51.85 -1.89 3.89
CA GLU A 284 52.68 -3.10 3.75
C GLU A 284 52.74 -3.91 5.08
N GLN A 285 52.88 -3.24 6.22
CA GLN A 285 52.84 -3.93 7.51
C GLN A 285 51.57 -4.75 7.64
N GLN A 286 50.41 -4.18 7.33
CA GLN A 286 49.20 -4.97 7.46
C GLN A 286 49.10 -6.02 6.35
N LYS A 287 49.64 -5.75 5.17
CA LYS A 287 49.62 -6.83 4.21
C LYS A 287 50.37 -8.05 4.74
N LEU A 288 51.53 -7.83 5.33
CA LEU A 288 52.32 -8.95 5.85
C LEU A 288 51.59 -9.72 6.95
N ASP A 289 50.88 -9.03 7.84
CA ASP A 289 50.20 -9.78 8.91
C ASP A 289 49.02 -10.58 8.38
N VAL A 290 48.31 -10.03 7.39
CA VAL A 290 47.09 -10.71 6.93
C VAL A 290 47.46 -11.90 6.10
N GLU A 291 48.46 -11.73 5.21
CA GLU A 291 49.04 -12.85 4.46
C GLU A 291 49.34 -14.04 5.37
N LYS A 292 50.09 -13.80 6.46
CA LYS A 292 50.48 -14.87 7.43
C LYS A 292 49.22 -15.42 8.10
N ARG A 293 48.27 -14.57 8.48
CA ARG A 293 47.05 -14.99 9.24
C ARG A 293 46.23 -15.93 8.35
N ILE A 294 46.07 -15.64 7.04
CA ILE A 294 45.20 -16.43 6.11
C ILE A 294 46.01 -17.56 5.48
N ASN A 295 47.32 -17.63 5.72
CA ASN A 295 48.23 -18.67 5.13
C ASN A 295 48.23 -18.48 3.61
N HIS A 296 48.29 -17.23 3.10
CA HIS A 296 48.44 -16.97 1.68
C HIS A 296 47.36 -17.68 0.89
N THR A 297 46.19 -17.87 1.46
CA THR A 297 45.18 -18.53 0.64
C THR A 297 44.68 -17.68 -0.54
N ILE A 298 44.79 -16.36 -0.48
CA ILE A 298 44.54 -15.47 -1.62
C ILE A 298 45.51 -14.31 -1.57
N PRO A 299 45.67 -13.60 -2.69
CA PRO A 299 46.62 -12.49 -2.68
C PRO A 299 46.20 -11.42 -1.67
N VAL A 300 47.19 -10.82 -1.03
CA VAL A 300 47.00 -9.61 -0.26
C VAL A 300 47.88 -8.58 -0.89
N VAL A 301 47.35 -7.37 -1.06
CA VAL A 301 48.09 -6.28 -1.66
C VAL A 301 47.87 -5.00 -0.87
N ASN A 302 48.95 -4.28 -0.63
CA ASN A 302 48.86 -2.96 -0.04
C ASN A 302 48.80 -1.96 -1.15
N ILE A 303 47.73 -1.13 -1.13
CA ILE A 303 47.63 0.08 -1.93
C ILE A 303 47.14 1.23 -1.03
N PRO A 304 47.88 2.30 -0.84
CA PRO A 304 47.42 3.33 0.09
C PRO A 304 46.04 3.84 -0.24
N VAL A 305 45.34 4.27 0.81
CA VAL A 305 43.97 4.74 0.62
C VAL A 305 43.89 6.19 0.17
N GLY A 306 45.01 6.91 0.23
CA GLY A 306 45.05 8.29 -0.20
C GLY A 306 46.34 8.58 -0.94
N TYR A 307 46.39 9.77 -1.53
CA TYR A 307 47.55 10.24 -2.30
C TYR A 307 47.86 11.67 -1.93
N SER A 308 49.11 12.10 -2.19
CA SER A 308 49.61 13.47 -1.95
C SER A 308 49.54 14.27 -3.26
N GLU A 309 49.38 15.61 -3.20
CA GLU A 309 49.33 16.52 -4.40
C GLU A 309 50.11 17.81 -4.10
N THR A 313 51.28 26.19 -2.31
CA THR A 313 51.17 26.89 -1.00
C THR A 313 52.57 27.02 -0.38
N PRO A 314 52.97 28.15 0.24
CA PRO A 314 54.26 28.23 0.94
C PRO A 314 54.34 27.17 2.05
N VAL A 315 55.51 26.56 2.29
CA VAL A 315 55.71 25.57 3.36
C VAL A 315 56.95 25.95 4.18
N GLN A 316 56.96 25.41 5.37
CA GLN A 316 58.09 25.59 6.27
C GLN A 316 58.52 27.06 6.40
N THR A 317 57.60 27.84 6.90
CA THR A 317 57.82 29.26 7.18
C THR A 317 57.93 29.42 8.70
N LEU A 318 59.07 29.04 9.19
CA LEU A 318 59.35 29.13 10.63
C LEU A 318 60.00 30.47 11.05
N SER A 322 58.35 31.64 17.76
CA SER A 322 57.90 30.45 18.48
C SER A 322 58.07 29.11 17.73
N VAL A 323 57.97 28.00 18.47
CA VAL A 323 58.20 26.66 17.92
C VAL A 323 56.90 25.86 18.03
N LYS A 324 56.27 25.61 16.89
CA LYS A 324 54.90 25.09 16.79
C LYS A 324 54.91 23.56 16.66
N LEU A 325 54.42 22.87 17.70
CA LEU A 325 54.10 21.44 17.61
C LEU A 325 52.62 21.26 17.26
N ILE A 326 52.30 20.22 16.49
CA ILE A 326 50.92 20.00 16.08
C ILE A 326 50.52 18.56 16.30
N SER A 327 49.22 18.35 16.47
CA SER A 327 48.60 17.03 16.59
C SER A 327 47.24 17.09 15.88
N VAL A 328 47.08 16.31 14.82
CA VAL A 328 45.82 16.18 14.10
C VAL A 328 45.28 14.80 14.48
N ALA A 329 44.36 14.78 15.43
CA ALA A 329 43.82 13.52 15.92
C ALA A 329 42.50 13.71 16.65
N ARG A 330 41.52 12.84 16.35
CA ARG A 330 40.29 12.78 17.15
C ARG A 330 40.63 12.73 18.64
N TYR A 331 39.84 13.45 19.45
CA TYR A 331 40.02 13.49 20.90
C TYR A 331 39.38 12.25 21.55
N SER A 332 40.04 11.12 21.39
CA SER A 332 39.50 9.83 21.82
C SER A 332 40.53 9.10 22.67
N PRO A 333 40.11 8.05 23.36
CA PRO A 333 41.09 7.35 24.20
C PRO A 333 42.32 6.90 23.44
N GLU A 334 42.12 6.20 22.32
CA GLU A 334 43.21 5.58 21.54
C GLU A 334 44.38 6.54 21.34
N LYS A 335 44.08 7.81 21.12
CA LYS A 335 45.12 8.71 20.66
C LYS A 335 46.01 9.14 21.80
N GLN A 336 45.59 8.90 23.03
CA GLN A 336 46.33 9.21 24.25
C GLN A 336 46.93 10.61 24.18
N LEU A 337 46.03 11.60 24.06
CA LEU A 337 46.48 12.97 23.84
C LEU A 337 46.99 13.66 25.11
N HIS A 338 46.58 13.17 26.29
CA HIS A 338 47.17 13.69 27.51
C HIS A 338 48.69 13.63 27.46
N GLN A 339 49.24 12.52 26.97
CA GLN A 339 50.69 12.39 26.93
C GLN A 339 51.30 13.58 26.20
N GLN A 340 50.62 14.08 25.15
CA GLN A 340 51.18 15.23 24.46
C GLN A 340 51.18 16.46 25.34
N ILE A 341 50.25 16.51 26.29
CA ILE A 341 50.23 17.60 27.28
C ILE A 341 51.37 17.43 28.26
N GLU A 342 51.52 16.20 28.79
CA GLU A 342 52.65 15.84 29.64
C GLU A 342 53.97 16.21 29.00
N LEU A 343 54.12 15.88 27.72
CA LEU A 343 55.34 16.22 27.02
C LEU A 343 55.56 17.73 27.04
N ILE A 344 54.50 18.52 26.83
CA ILE A 344 54.65 19.97 26.73
C ILE A 344 54.96 20.54 28.11
N LYS A 345 54.25 20.06 29.13
CA LYS A 345 54.60 20.36 30.52
C LYS A 345 56.12 20.35 30.79
N ARG A 346 56.80 19.25 30.44
CA ARG A 346 58.22 19.14 30.70
C ARG A 346 59.04 20.06 29.80
N LEU A 347 58.60 20.25 28.57
CA LEU A 347 59.39 20.94 27.56
C LEU A 347 59.40 22.46 27.69
N VAL A 348 58.31 23.06 28.19
CA VAL A 348 58.18 24.52 28.17
C VAL A 348 59.27 25.17 29.01
N SER A 349 59.60 24.54 30.14
CA SER A 349 60.69 25.07 30.96
C SER A 349 62.00 25.11 30.17
N TYR A 350 62.22 24.20 29.25
CA TYR A 350 63.42 24.26 28.42
C TYR A 350 63.18 25.00 27.11
N VAL A 351 61.94 25.08 26.66
CA VAL A 351 61.59 25.78 25.43
C VAL A 351 60.29 26.51 25.72
N PRO A 352 60.33 27.74 26.21
CA PRO A 352 59.10 28.41 26.62
C PRO A 352 58.38 29.14 25.49
N LYS A 353 58.98 29.24 24.30
CA LYS A 353 58.30 29.76 23.13
C LYS A 353 57.54 28.68 22.38
N ILE A 354 57.30 27.54 23.02
CA ILE A 354 56.68 26.37 22.40
C ILE A 354 55.16 26.49 22.51
N GLU A 355 54.45 25.94 21.52
CA GLU A 355 53.00 25.83 21.53
C GLU A 355 52.63 24.55 20.78
N LEU A 356 51.51 23.92 21.20
CA LEU A 356 51.04 22.65 20.64
C LEU A 356 49.57 22.78 20.27
N HIS A 357 49.28 22.73 18.97
CA HIS A 357 47.94 22.85 18.43
C HIS A 357 47.40 21.48 18.13
N MET A 358 46.33 21.09 18.81
CA MET A 358 45.63 19.82 18.66
C MET A 358 44.32 20.02 17.90
N TYR A 359 44.34 19.64 16.63
CA TYR A 359 43.17 19.67 15.74
C TYR A 359 42.38 18.36 15.81
N GLY A 360 41.06 18.48 15.91
CA GLY A 360 40.14 17.36 16.03
C GLY A 360 39.07 17.62 17.09
N PHE A 361 38.35 16.56 17.48
CA PHE A 361 37.20 16.67 18.36
C PHE A 361 36.92 15.32 18.97
N GLY A 362 36.19 15.33 20.08
CA GLY A 362 35.70 14.08 20.63
C GLY A 362 35.38 14.18 22.10
N SER A 363 35.12 13.01 22.66
CA SER A 363 34.65 12.92 24.04
C SER A 363 35.66 13.51 25.01
N GLU A 364 36.93 13.29 24.75
CA GLU A 364 37.98 13.62 25.69
C GLU A 364 38.36 15.11 25.72
N SER A 365 37.57 16.01 25.13
CA SER A 365 37.94 17.41 25.11
C SER A 365 37.95 18.01 26.50
N LYS A 366 36.88 17.78 27.27
CA LYS A 366 36.79 18.34 28.62
C LYS A 366 38.02 17.96 29.46
N LYS A 367 38.31 16.66 29.55
CA LYS A 367 39.48 16.19 30.27
C LYS A 367 40.75 16.87 29.76
N LEU A 368 40.85 17.08 28.46
CA LEU A 368 42.08 17.70 27.96
C LEU A 368 42.16 19.19 28.31
N ASN A 369 41.04 19.90 28.25
CA ASN A 369 41.02 21.30 28.71
C ASN A 369 41.47 21.41 30.17
N GLU A 370 41.08 20.46 31.00
CA GLU A 370 41.42 20.50 32.42
C GLU A 370 42.94 20.39 32.64
N LEU A 371 43.56 19.40 32.01
CA LEU A 371 45.00 19.22 32.22
C LEU A 371 45.76 20.42 31.70
N ILE A 372 45.20 21.13 30.72
CA ILE A 372 45.85 22.35 30.27
C ILE A 372 45.86 23.38 31.41
N GLN A 373 44.68 23.64 31.96
CA GLN A 373 44.57 24.56 33.10
C GLN A 373 45.45 24.09 34.25
N LYS A 374 45.35 22.80 34.61
CA LYS A 374 46.14 22.28 35.72
C LYS A 374 47.61 22.59 35.56
N TYR A 375 48.13 22.46 34.34
CA TYR A 375 49.56 22.64 34.11
C TYR A 375 49.89 24.04 33.64
N GLY A 376 48.95 24.97 33.72
CA GLY A 376 49.23 26.34 33.32
C GLY A 376 49.76 26.52 31.91
N LEU A 377 49.24 25.75 30.95
CA LEU A 377 49.74 25.76 29.58
C LEU A 377 48.79 26.47 28.64
N GLU A 378 47.81 27.22 29.17
CA GLU A 378 46.73 27.74 28.35
C GLU A 378 47.26 28.59 27.19
N ASN A 379 48.42 29.20 27.36
CA ASN A 379 49.09 29.90 26.28
C ASN A 379 50.20 29.06 25.67
N HIS A 380 50.06 27.72 25.74
CA HIS A 380 51.00 26.78 25.12
C HIS A 380 50.32 25.56 24.48
N VAL A 381 49.14 25.14 24.93
CA VAL A 381 48.41 24.02 24.34
C VAL A 381 47.00 24.49 24.00
N TYR A 382 46.64 24.41 22.72
CA TYR A 382 45.31 24.84 22.31
C TYR A 382 44.53 23.68 21.68
N LEU A 383 43.40 23.34 22.28
CA LEU A 383 42.41 22.46 21.65
C LEU A 383 41.71 23.22 20.53
N ARG A 384 42.21 23.12 19.32
CA ARG A 384 41.73 23.96 18.22
C ARG A 384 40.49 23.45 17.49
N GLY A 385 39.90 22.33 17.91
CA GLY A 385 38.69 21.79 17.31
C GLY A 385 38.93 21.17 15.95
N PHE A 386 37.86 20.98 15.21
CA PHE A 386 37.95 20.44 13.86
C PHE A 386 38.01 21.60 12.87
N LEU A 387 38.80 21.45 11.80
CA LEU A 387 39.08 22.51 10.85
C LEU A 387 38.92 22.03 9.41
N SER A 388 38.15 22.79 8.62
CA SER A 388 37.74 22.36 7.29
C SER A 388 38.92 22.16 6.35
N ASN A 389 39.95 23.01 6.45
CA ASN A 389 41.22 22.75 5.80
C ASN A 389 42.32 23.22 6.73
N LEU A 390 43.44 22.49 6.68
CA LEU A 390 44.56 22.73 7.56
C LEU A 390 45.77 23.24 6.80
N ASP A 391 45.60 23.59 5.52
CA ASP A 391 46.73 23.92 4.67
C ASP A 391 47.52 25.11 5.20
N GLN A 392 46.84 26.05 5.88
CA GLN A 392 47.55 27.20 6.45
C GLN A 392 48.23 26.79 7.75
N GLU A 393 47.60 25.88 8.49
CA GLU A 393 48.15 25.47 9.78
C GLU A 393 49.48 24.71 9.64
N TYR A 394 49.70 24.05 8.50
CA TYR A 394 50.91 23.25 8.28
C TYR A 394 52.13 24.09 7.89
N SER A 395 51.94 25.31 7.40
CA SER A 395 53.05 26.04 6.82
C SER A 395 54.13 26.35 7.85
N ASP A 396 53.75 26.47 9.12
CA ASP A 396 54.68 26.85 10.19
C ASP A 396 54.73 25.80 11.31
N ALA A 397 54.31 24.58 11.03
CA ALA A 397 54.48 23.50 11.98
C ALA A 397 55.91 22.99 11.98
N TYR A 398 56.55 23.03 13.16
CA TYR A 398 57.90 22.48 13.30
C TYR A 398 57.87 20.95 13.18
N LEU A 399 56.92 20.30 13.86
CA LEU A 399 56.92 18.86 14.05
C LEU A 399 55.52 18.47 14.40
N SER A 400 55.16 17.22 14.02
CA SER A 400 53.91 16.61 14.45
C SER A 400 54.16 15.45 15.39
N LEU A 401 53.12 15.18 16.17
CA LEU A 401 53.29 14.17 17.20
C LEU A 401 52.20 13.12 17.15
N ILE A 402 52.56 11.84 17.24
CA ILE A 402 51.59 10.77 17.40
C ILE A 402 51.92 9.93 18.62
N THR A 403 50.99 9.87 19.55
CA THR A 403 51.19 9.17 20.81
C THR A 403 50.11 8.13 21.00
N SER A 404 49.54 7.64 19.93
CA SER A 404 48.44 6.71 20.01
C SER A 404 48.91 5.30 20.37
N ASN A 405 47.97 4.47 20.77
CA ASN A 405 48.28 3.08 21.03
C ASN A 405 47.86 2.16 19.89
N MET A 406 47.02 2.65 18.96
CA MET A 406 46.63 1.94 17.76
C MET A 406 46.30 3.00 16.71
N GLU A 407 46.60 2.69 15.45
CA GLU A 407 46.50 3.65 14.37
C GLU A 407 46.02 2.95 13.11
N GLY A 408 45.59 3.77 12.12
CA GLY A 408 45.50 3.34 10.73
C GLY A 408 46.13 4.35 9.79
N PHE A 409 46.24 3.95 8.51
CA PHE A 409 46.89 4.81 7.56
C PHE A 409 46.21 6.17 7.62
N SER A 410 46.99 7.21 7.83
CA SER A 410 46.50 8.55 8.11
C SER A 410 46.63 9.49 6.91
N LEU A 411 45.51 9.83 6.29
CA LEU A 411 45.51 10.87 5.26
C LEU A 411 46.08 12.16 5.80
N ALA A 412 45.71 12.51 7.03
CA ALA A 412 46.20 13.71 7.68
C ALA A 412 47.72 13.70 7.77
N LEU A 413 48.31 12.62 8.31
CA LEU A 413 49.77 12.48 8.33
C LEU A 413 50.35 12.58 6.90
N LEU A 414 49.70 11.96 5.93
CA LEU A 414 50.21 12.05 4.56
C LEU A 414 50.21 13.48 4.06
N GLU A 415 49.12 14.21 4.31
CA GLU A 415 49.08 15.61 3.88
C GLU A 415 50.15 16.46 4.60
N SER A 416 50.25 16.31 5.92
CA SER A 416 51.21 17.07 6.75
C SER A 416 52.63 16.83 6.20
N LEU A 417 52.96 15.62 5.73
CA LEU A 417 54.30 15.27 5.18
C LEU A 417 54.44 15.94 3.79
N ALA A 418 53.37 16.10 3.00
CA ALA A 418 53.42 16.87 1.75
C ALA A 418 53.73 18.35 2.01
N HIS A 419 53.50 18.86 3.22
CA HIS A 419 53.75 20.25 3.56
C HIS A 419 55.09 20.39 4.24
N GLY A 420 55.90 19.34 4.19
CA GLY A 420 57.22 19.39 4.78
C GLY A 420 57.27 19.27 6.27
N VAL A 421 56.22 18.81 6.95
CA VAL A 421 56.17 18.75 8.37
C VAL A 421 56.71 17.35 8.82
N PRO A 422 57.90 17.26 9.41
CA PRO A 422 58.36 15.96 9.98
C PRO A 422 57.52 15.54 11.15
N VAL A 423 57.76 14.36 11.75
CA VAL A 423 56.85 13.76 12.73
C VAL A 423 57.61 12.84 13.68
N ILE A 424 57.13 12.77 14.91
CA ILE A 424 57.64 11.80 15.86
C ILE A 424 56.46 11.02 16.38
N SER A 425 56.55 9.69 16.30
CA SER A 425 55.41 8.81 16.53
C SER A 425 55.78 7.55 17.29
N TYR A 426 54.89 7.10 18.17
CA TYR A 426 55.08 5.76 18.71
C TYR A 426 55.07 4.78 17.55
N ASP A 427 55.71 3.64 17.76
CA ASP A 427 55.87 2.58 16.77
C ASP A 427 54.77 1.55 16.99
N ILE A 428 53.57 1.95 16.65
CA ILE A 428 52.38 1.10 16.74
C ILE A 428 51.82 0.84 15.35
N LYS A 429 51.03 -0.23 15.23
CA LYS A 429 50.33 -0.55 13.99
C LYS A 429 48.98 0.11 13.97
N TYR A 430 48.47 0.49 12.80
CA TYR A 430 49.15 0.50 11.48
C TYR A 430 49.23 1.95 10.99
N GLY A 431 50.12 2.22 10.04
CA GLY A 431 50.25 3.60 9.55
C GLY A 431 51.55 4.31 9.84
N PRO A 432 51.89 4.40 11.09
CA PRO A 432 53.19 5.04 11.38
C PRO A 432 54.37 4.47 10.60
N ASN A 433 54.56 3.15 10.66
CA ASN A 433 55.66 2.57 9.94
C ASN A 433 55.55 2.76 8.44
N GLU A 434 54.36 3.04 7.90
CA GLU A 434 54.23 3.18 6.46
C GLU A 434 54.75 4.54 6.03
N LEU A 435 54.50 5.56 6.84
CA LEU A 435 54.75 6.93 6.44
C LEU A 435 55.98 7.55 7.09
N ILE A 436 56.71 6.79 7.91
CA ILE A 436 57.73 7.33 8.81
C ILE A 436 58.89 6.37 8.75
N THR A 437 59.95 6.78 8.04
CA THR A 437 61.28 6.18 8.15
C THR A 437 62.11 6.95 9.17
N SER A 438 62.47 6.28 10.26
CA SER A 438 63.34 6.86 11.28
C SER A 438 64.59 7.54 10.71
N ASP A 439 64.88 8.77 11.18
CA ASP A 439 66.01 9.63 10.77
C ASP A 439 65.96 10.05 9.29
N PHE A 440 64.84 9.83 8.61
CA PHE A 440 64.63 10.29 7.25
C PHE A 440 63.58 11.39 7.18
N ASN A 441 62.42 11.17 7.78
CA ASN A 441 61.39 12.19 7.83
C ASN A 441 60.80 12.29 9.22
N GLY A 442 61.38 11.64 10.22
CA GLY A 442 60.85 11.71 11.56
C GLY A 442 61.51 10.62 12.35
N TYR A 443 60.94 10.32 13.54
CA TYR A 443 61.47 9.28 14.41
C TYR A 443 60.32 8.42 14.93
N LEU A 444 60.58 7.12 15.08
CA LEU A 444 59.66 6.13 15.62
C LEU A 444 60.10 5.72 17.02
N ILE A 445 59.21 5.84 18.00
CA ILE A 445 59.52 5.62 19.41
C ILE A 445 58.77 4.38 19.89
N THR A 446 59.35 3.65 20.84
CA THR A 446 58.64 2.51 21.41
C THR A 446 57.35 3.00 22.07
N LYS A 447 56.27 2.23 21.90
CA LYS A 447 54.95 2.56 22.45
C LYS A 447 55.02 2.88 23.94
N ASN A 448 54.60 4.13 24.28
CA ASN A 448 54.38 4.60 25.66
C ASN A 448 55.65 4.97 26.39
N ASP A 449 56.75 5.14 25.64
CA ASP A 449 58.02 5.60 26.17
C ASP A 449 58.04 7.12 26.14
N GLU A 450 57.33 7.70 27.12
CA GLU A 450 57.28 9.15 27.24
C GLU A 450 58.63 9.82 27.44
N ASP A 451 59.65 9.06 27.81
CA ASP A 451 60.95 9.68 28.03
C ASP A 451 61.79 9.71 26.76
N ALA A 452 61.73 8.63 25.98
CA ALA A 452 62.34 8.68 24.67
C ALA A 452 61.61 9.65 23.77
N LEU A 453 60.29 9.77 23.98
CA LEU A 453 59.50 10.78 23.29
C LEU A 453 60.01 12.18 23.59
N PHE A 454 60.09 12.54 24.87
CA PHE A 454 60.69 13.81 25.27
C PHE A 454 62.06 14.00 24.64
N ASP A 455 62.94 13.01 24.79
CA ASP A 455 64.32 13.15 24.34
C ASP A 455 64.41 13.35 22.84
N LYS A 456 63.61 12.60 22.09
CA LYS A 456 63.66 12.78 20.64
C LYS A 456 63.04 14.11 20.28
N VAL A 457 61.96 14.52 20.94
CA VAL A 457 61.27 15.81 20.62
C VAL A 457 62.28 16.93 20.97
N LYS A 458 62.80 16.98 22.20
CA LYS A 458 63.87 17.89 22.60
C LYS A 458 64.99 17.98 21.56
N TYR A 459 65.48 16.82 21.10
CA TYR A 459 66.63 16.78 20.20
C TYR A 459 66.37 17.52 18.88
N VAL A 460 65.19 17.32 18.28
CA VAL A 460 64.88 17.97 17.00
C VAL A 460 64.74 19.49 17.16
N ILE A 461 64.18 19.94 18.29
CA ILE A 461 64.03 21.38 18.54
C ILE A 461 65.40 22.04 18.66
N ASP A 462 66.30 21.40 19.42
CA ASP A 462 67.67 21.84 19.60
C ASP A 462 68.52 21.64 18.37
N HIS A 463 67.97 21.27 17.22
CA HIS A 463 68.79 20.96 16.06
C HIS A 463 68.01 21.29 14.79
N PRO A 464 67.72 22.57 14.59
CA PRO A 464 66.97 22.96 13.38
C PRO A 464 67.43 22.30 12.10
N GLU A 465 68.76 22.13 11.94
CA GLU A 465 69.30 21.52 10.73
C GLU A 465 68.85 20.08 10.62
N VAL A 466 68.57 19.45 11.76
CA VAL A 466 67.98 18.13 11.70
C VAL A 466 66.55 18.26 11.17
N GLN A 467 65.81 19.24 11.68
CA GLN A 467 64.43 19.43 11.28
C GLN A 467 64.36 19.72 9.81
N GLN A 468 65.37 20.39 9.26
CA GLN A 468 65.41 20.62 7.81
C GLN A 468 65.53 19.29 7.04
N ARG A 469 66.54 18.49 7.37
CA ARG A 469 66.67 17.16 6.79
C ARG A 469 65.32 16.38 6.86
N LEU A 470 64.80 16.26 8.07
CA LEU A 470 63.54 15.55 8.27
C LEU A 470 62.40 16.10 7.44
N SER A 471 62.29 17.43 7.37
CA SER A 471 61.27 18.08 6.57
C SER A 471 61.49 17.82 5.08
N LYS A 472 62.73 17.91 4.62
CA LYS A 472 63.04 17.47 3.25
C LYS A 472 62.74 15.98 3.07
N GLY A 473 62.98 15.17 4.10
CA GLY A 473 62.59 13.79 4.01
C GLY A 473 61.08 13.59 3.96
N SER A 474 60.34 14.47 4.63
CA SER A 474 58.89 14.37 4.56
C SER A 474 58.40 14.72 3.16
N LEU A 475 59.05 15.69 2.51
CA LEU A 475 58.66 15.98 1.12
C LEU A 475 58.95 14.79 0.23
N ALA A 476 60.04 14.05 0.54
CA ALA A 476 60.43 12.94 -0.31
C ALA A 476 59.53 11.75 -0.08
N LYS A 477 59.19 11.54 1.19
CA LYS A 477 58.24 10.53 1.58
C LYS A 477 56.89 10.73 0.90
N ALA A 478 56.35 11.95 0.99
CA ALA A 478 55.06 12.23 0.38
C ALA A 478 55.05 11.91 -1.11
N GLN A 479 56.16 12.21 -1.79
CA GLN A 479 56.17 12.07 -3.24
C GLN A 479 56.04 10.63 -3.65
N GLN A 480 56.41 9.68 -2.79
CA GLN A 480 56.17 8.29 -3.16
C GLN A 480 54.66 7.94 -3.17
N TYR A 481 53.80 8.74 -2.55
CA TYR A 481 52.35 8.53 -2.60
C TYR A 481 51.66 9.40 -3.66
N SER A 482 52.34 9.72 -4.76
CA SER A 482 51.77 10.63 -5.75
C SER A 482 50.49 10.06 -6.37
N LYS A 483 49.70 10.97 -6.94
CA LYS A 483 48.58 10.52 -7.76
C LYS A 483 49.01 9.49 -8.78
N ALA A 484 50.15 9.72 -9.45
CA ALA A 484 50.51 8.81 -10.53
C ALA A 484 51.02 7.49 -9.97
N SER A 485 51.70 7.55 -8.85
CA SER A 485 52.07 6.31 -8.16
C SER A 485 50.83 5.48 -7.83
N LEU A 486 49.81 6.10 -7.24
CA LEU A 486 48.58 5.38 -6.92
C LEU A 486 47.88 4.87 -8.18
N ILE A 487 47.84 5.70 -9.24
CA ILE A 487 47.21 5.28 -10.49
C ILE A 487 47.87 4.00 -11.01
N LYS A 488 49.19 4.02 -11.09
CA LYS A 488 49.97 2.88 -11.55
C LYS A 488 49.71 1.63 -10.71
N GLN A 489 49.69 1.76 -9.39
CA GLN A 489 49.39 0.58 -8.57
C GLN A 489 48.00 0.04 -8.89
N TRP A 490 47.03 0.94 -8.94
CA TRP A 490 45.65 0.52 -9.16
C TRP A 490 45.50 -0.13 -10.51
N ASP A 491 46.08 0.49 -11.58
CA ASP A 491 45.95 -0.10 -12.92
C ASP A 491 46.58 -1.48 -12.93
N GLN A 492 47.81 -1.55 -12.44
CA GLN A 492 48.45 -2.85 -12.40
C GLN A 492 47.52 -3.79 -11.67
N PHE A 493 47.13 -3.46 -10.43
CA PHE A 493 46.34 -4.43 -9.68
C PHE A 493 45.10 -4.92 -10.47
N VAL A 494 44.37 -4.03 -11.11
CA VAL A 494 43.16 -4.43 -11.84
C VAL A 494 43.50 -5.32 -13.04
N ARG A 495 44.55 -4.95 -13.80
CA ARG A 495 45.03 -5.79 -14.90
C ARG A 495 45.30 -7.21 -14.44
N LEU A 496 46.10 -7.32 -13.37
CA LEU A 496 46.58 -8.64 -12.86
C LEU A 496 45.38 -9.43 -12.31
N ILE A 497 44.45 -8.79 -11.61
CA ILE A 497 43.33 -9.50 -10.99
C ILE A 497 42.44 -10.10 -12.07
N LEU A 498 42.24 -9.39 -13.17
CA LEU A 498 41.29 -9.82 -14.18
C LEU A 498 41.85 -10.92 -15.06
N GLU A 499 43.14 -10.91 -15.33
CA GLU A 499 43.74 -11.98 -16.12
C GLU A 499 43.86 -13.30 -15.37
N HIS A 500 44.11 -13.27 -14.05
CA HIS A 500 44.07 -14.49 -13.26
C HIS A 500 42.66 -15.12 -13.24
N HIS A 501 41.62 -14.30 -13.29
CA HIS A 501 40.23 -14.68 -13.31
C HIS A 501 39.73 -14.99 -14.72
N HIS A 502 40.59 -14.88 -15.73
CA HIS A 502 40.27 -15.24 -17.11
C HIS A 502 39.28 -16.37 -17.29
N SER B 1 -30.16 13.34 -21.13
CA SER B 1 -30.26 13.28 -19.61
C SER B 1 -30.51 11.85 -19.10
N MET B 2 -29.89 11.51 -17.98
CA MET B 2 -29.81 10.16 -17.49
C MET B 2 -30.69 9.95 -16.27
N ASN B 3 -31.24 8.77 -16.17
CA ASN B 3 -31.99 8.34 -15.01
C ASN B 3 -31.20 7.25 -14.32
N TYR B 4 -30.98 7.40 -13.01
CA TYR B 4 -30.02 6.57 -12.27
C TYR B 4 -30.78 5.83 -11.18
N PHE B 5 -30.71 4.52 -11.23
CA PHE B 5 -31.43 3.66 -10.29
C PHE B 5 -30.40 3.14 -9.29
N VAL B 6 -30.34 3.78 -8.13
CA VAL B 6 -29.22 3.60 -7.22
C VAL B 6 -29.59 2.52 -6.21
N GLY B 7 -28.93 1.37 -6.33
CA GLY B 7 -29.04 0.34 -5.34
C GLY B 7 -27.69 0.11 -4.73
N ASN B 8 -27.40 -1.13 -4.36
CA ASN B 8 -26.16 -1.47 -3.69
C ASN B 8 -25.33 -2.39 -4.57
N SER B 9 -25.69 -3.67 -4.68
CA SER B 9 -25.01 -4.56 -5.62
C SER B 9 -26.04 -5.49 -6.24
N LEU B 10 -25.53 -6.56 -6.86
CA LEU B 10 -26.31 -7.66 -7.38
C LEU B 10 -25.88 -8.97 -6.73
N GLY B 11 -26.86 -9.82 -6.38
CA GLY B 11 -26.56 -11.10 -5.78
C GLY B 11 -26.24 -12.18 -6.81
N VAL B 12 -26.02 -13.39 -6.29
CA VAL B 12 -26.10 -14.57 -7.15
C VAL B 12 -27.49 -14.64 -7.78
N ASN B 13 -28.52 -14.64 -6.95
CA ASN B 13 -29.89 -14.53 -7.38
C ASN B 13 -30.43 -13.17 -6.94
N LEU B 14 -30.82 -12.38 -7.93
CA LEU B 14 -31.40 -11.07 -7.68
C LEU B 14 -32.50 -11.14 -6.62
N THR B 15 -32.52 -10.14 -5.74
CA THR B 15 -33.65 -9.93 -4.86
C THR B 15 -34.71 -9.08 -5.57
N GLY B 16 -35.82 -8.87 -4.89
CA GLY B 16 -36.82 -7.99 -5.44
C GLY B 16 -36.23 -6.65 -5.86
N ILE B 17 -35.47 -6.03 -4.95
CA ILE B 17 -35.04 -4.67 -5.23
C ILE B 17 -34.21 -4.64 -6.50
N GLU B 18 -33.42 -5.68 -6.76
CA GLU B 18 -32.57 -5.67 -7.95
C GLU B 18 -33.34 -5.99 -9.24
N LYS B 19 -34.26 -6.95 -9.17
CA LYS B 19 -35.17 -7.15 -10.29
C LYS B 19 -35.90 -5.86 -10.62
N ALA B 20 -36.34 -5.14 -9.58
CA ALA B 20 -37.13 -3.93 -9.83
C ALA B 20 -36.34 -2.90 -10.61
N ILE B 21 -35.07 -2.68 -10.23
CA ILE B 21 -34.34 -1.63 -10.90
C ILE B 21 -33.99 -2.07 -12.30
N ILE B 22 -33.66 -3.35 -12.45
CA ILE B 22 -33.42 -3.90 -13.79
C ILE B 22 -34.68 -3.79 -14.64
N ASN B 23 -35.82 -4.18 -14.06
CA ASN B 23 -37.08 -4.03 -14.77
C ASN B 23 -37.32 -2.58 -15.15
N ARG B 24 -37.14 -1.67 -14.18
CA ARG B 24 -37.39 -0.26 -14.50
C ARG B 24 -36.42 0.20 -15.58
N LEU B 25 -35.20 -0.38 -15.60
CA LEU B 25 -34.22 -0.07 -16.65
C LEU B 25 -34.78 -0.39 -18.04
N ASN B 26 -35.11 -1.65 -18.25
CA ASN B 26 -35.61 -2.05 -19.57
C ASN B 26 -36.82 -1.24 -19.96
N LEU B 27 -37.64 -0.84 -18.99
CA LEU B 27 -38.80 -0.02 -19.34
C LEU B 27 -38.37 1.35 -19.84
N PHE B 28 -37.33 1.91 -19.21
CA PHE B 28 -36.83 3.21 -19.65
C PHE B 28 -36.17 3.11 -21.04
N LYS B 29 -35.47 2.02 -21.32
CA LYS B 29 -34.91 1.85 -22.66
C LYS B 29 -36.01 1.82 -23.72
N GLU B 30 -37.03 1.00 -23.49
CA GLU B 30 -38.08 0.80 -24.47
C GLU B 30 -38.83 2.07 -24.81
N MET B 31 -38.79 3.11 -23.96
CA MET B 31 -39.48 4.36 -24.27
C MET B 31 -38.53 5.45 -24.69
N GLY B 32 -37.26 5.12 -24.96
CA GLY B 32 -36.26 6.10 -25.37
C GLY B 32 -35.95 7.15 -24.32
N ARG B 33 -35.73 6.71 -23.08
CA ARG B 33 -35.30 7.59 -21.99
C ARG B 33 -34.06 6.92 -21.40
N PRO B 34 -32.90 7.55 -21.45
CA PRO B 34 -31.68 6.88 -20.96
C PRO B 34 -31.80 6.50 -19.49
N ALA B 35 -31.32 5.30 -19.17
CA ALA B 35 -31.34 4.80 -17.81
C ALA B 35 -30.10 3.95 -17.55
N GLN B 36 -29.60 4.00 -16.31
CA GLN B 36 -28.53 3.14 -15.83
C GLN B 36 -28.77 2.77 -14.37
N CYS B 37 -28.38 1.57 -14.03
CA CYS B 37 -28.32 1.16 -12.64
C CYS B 37 -27.02 1.65 -11.99
N VAL B 38 -27.09 2.06 -10.73
CA VAL B 38 -25.92 2.57 -10.02
C VAL B 38 -25.71 1.70 -8.79
N PHE B 39 -24.54 1.08 -8.71
CA PHE B 39 -24.16 0.25 -7.59
C PHE B 39 -23.01 0.89 -6.81
N LEU B 40 -22.95 0.52 -5.55
CA LEU B 40 -22.13 1.21 -4.57
C LEU B 40 -21.08 0.29 -3.97
N SER B 41 -21.49 -0.85 -3.45
CA SER B 41 -20.55 -1.68 -2.71
C SER B 41 -19.49 -2.24 -3.65
N TRP B 42 -18.35 -2.60 -3.06
CA TRP B 42 -17.26 -3.19 -3.83
C TRP B 42 -17.54 -4.66 -4.06
N ASN B 43 -17.61 -5.06 -5.32
CA ASN B 43 -17.97 -6.45 -5.69
C ASN B 43 -17.22 -6.83 -6.96
N ARG B 44 -16.09 -7.53 -6.77
CA ARG B 44 -15.26 -7.93 -7.90
C ARG B 44 -15.92 -9.02 -8.70
N TYR B 45 -17.03 -9.54 -8.19
CA TYR B 45 -17.88 -10.50 -8.88
C TYR B 45 -19.07 -9.88 -9.60
N LEU B 46 -19.21 -8.55 -9.54
CA LEU B 46 -20.38 -7.89 -10.11
C LEU B 46 -20.54 -8.18 -11.58
N TYR B 47 -19.44 -8.12 -12.33
CA TYR B 47 -19.56 -8.24 -13.78
C TYR B 47 -20.14 -9.58 -14.18
N ARG B 48 -19.84 -10.62 -13.42
CA ARG B 48 -20.40 -11.93 -13.73
C ARG B 48 -21.87 -12.01 -13.31
N ASN B 49 -22.20 -11.52 -12.12
CA ASN B 49 -23.59 -11.54 -11.66
C ASN B 49 -24.50 -10.70 -12.52
N ALA B 50 -23.99 -9.67 -13.16
CA ALA B 50 -24.81 -8.79 -13.95
C ALA B 50 -25.01 -9.29 -15.36
N GLN B 51 -24.06 -10.10 -15.87
CA GLN B 51 -24.08 -10.52 -17.26
C GLN B 51 -25.36 -11.27 -17.61
N ASN B 52 -25.90 -12.04 -16.65
CA ASN B 52 -27.12 -12.81 -16.89
C ASN B 52 -28.37 -11.96 -16.93
N TYR B 53 -28.26 -10.63 -16.79
CA TYR B 53 -29.43 -9.78 -16.63
C TYR B 53 -29.32 -8.43 -17.33
N ILE B 54 -28.32 -7.71 -17.34
CA ILE B 54 -28.12 -6.40 -18.03
C ILE B 54 -26.70 -6.31 -18.60
N THR B 55 -26.35 -5.39 -19.41
CA THR B 55 -25.08 -5.16 -20.08
C THR B 55 -24.22 -4.16 -19.32
N SER B 56 -22.95 -4.11 -19.72
CA SER B 56 -21.95 -3.35 -18.99
C SER B 56 -22.21 -1.85 -19.06
N SER B 57 -22.70 -1.38 -20.21
CA SER B 57 -22.95 0.03 -20.45
C SER B 57 -24.21 0.56 -19.78
N ASP B 58 -24.90 -0.27 -19.02
CA ASP B 58 -26.16 0.08 -18.39
C ASP B 58 -26.10 0.16 -16.85
N TYR B 59 -24.93 0.03 -16.24
CA TYR B 59 -24.74 0.20 -14.81
C TYR B 59 -23.39 0.87 -14.56
N ILE B 60 -23.28 1.51 -13.40
CA ILE B 60 -22.04 2.10 -12.93
C ILE B 60 -21.84 1.73 -11.48
N ASN B 61 -20.79 0.97 -11.19
CA ASN B 61 -20.45 0.63 -9.82
C ASN B 61 -19.48 1.69 -9.30
N MET B 62 -19.60 2.01 -8.00
CA MET B 62 -18.81 3.12 -7.47
C MET B 62 -17.32 2.83 -7.55
N TYR B 63 -16.92 1.65 -7.07
CA TYR B 63 -15.51 1.27 -7.07
C TYR B 63 -14.98 1.14 -8.50
N ASP B 64 -15.80 0.58 -9.40
CA ASP B 64 -15.42 0.53 -10.80
C ASP B 64 -15.12 1.93 -11.31
N PHE B 65 -15.98 2.88 -10.92
CA PHE B 65 -15.87 4.23 -11.42
C PHE B 65 -14.51 4.79 -11.09
N PHE B 66 -14.10 4.71 -9.82
CA PHE B 66 -12.82 5.28 -9.32
C PHE B 66 -11.66 4.37 -9.76
N GLN B 67 -11.85 3.06 -9.94
CA GLN B 67 -10.85 2.17 -10.54
C GLN B 67 -10.81 2.24 -12.08
N GLU B 68 -11.59 3.14 -12.71
CA GLU B 68 -11.52 3.32 -14.15
C GLU B 68 -11.81 2.02 -14.87
N ALA B 69 -12.77 1.30 -14.35
CA ALA B 69 -13.12 -0.03 -14.83
C ALA B 69 -14.60 -0.20 -15.16
N THR B 70 -15.34 0.90 -15.35
CA THR B 70 -16.72 0.82 -15.81
C THR B 70 -16.78 0.56 -17.31
N TYR B 71 -17.90 -0.02 -17.74
CA TYR B 71 -18.15 -0.28 -19.19
C TYR B 71 -16.98 -1.10 -19.72
N LEU B 72 -16.46 -2.01 -18.90
CA LEU B 72 -15.26 -2.77 -19.26
C LEU B 72 -15.47 -4.24 -18.95
N ASP B 79 -1.84 -17.96 -19.17
CA ASP B 79 -2.39 -18.67 -17.98
C ASP B 79 -1.60 -18.20 -16.74
N TRP B 80 -2.15 -18.37 -15.52
CA TRP B 80 -1.47 -17.97 -14.23
C TRP B 80 -0.53 -19.09 -13.80
N LEU B 81 -0.94 -20.34 -13.91
CA LEU B 81 -0.10 -21.50 -13.59
C LEU B 81 1.15 -21.55 -14.49
N SER B 82 1.04 -21.25 -15.73
CA SER B 82 2.15 -21.23 -16.72
C SER B 82 2.91 -19.92 -16.60
N TYR B 83 2.28 -18.82 -16.04
CA TYR B 83 3.10 -17.67 -15.73
C TYR B 83 4.10 -18.02 -14.65
N TRP B 84 3.62 -18.67 -13.59
CA TRP B 84 4.43 -18.90 -12.41
C TRP B 84 5.54 -19.92 -12.67
N THR B 85 5.31 -20.91 -13.55
CA THR B 85 6.25 -22.00 -13.81
C THR B 85 7.26 -21.69 -14.92
N ASP B 86 6.79 -21.17 -16.06
CA ASP B 86 7.63 -21.03 -17.24
C ASP B 86 8.35 -19.70 -17.34
N GLU B 87 7.86 -18.65 -16.66
CA GLU B 87 8.53 -17.35 -16.65
C GLU B 87 9.09 -16.97 -15.29
N CYS B 88 8.52 -17.49 -14.20
CA CYS B 88 9.00 -17.20 -12.87
C CYS B 88 9.54 -18.42 -12.13
N HIS B 89 9.40 -19.61 -12.71
CA HIS B 89 10.15 -20.78 -12.26
C HIS B 89 9.85 -21.13 -10.81
N TYR B 90 8.63 -20.85 -10.35
CA TYR B 90 8.25 -21.21 -9.00
C TYR B 90 7.65 -22.62 -8.98
N THR B 91 7.24 -23.08 -7.80
CA THR B 91 6.88 -24.48 -7.62
C THR B 91 5.62 -24.62 -6.77
N LEU B 92 4.69 -25.49 -7.22
CA LEU B 92 3.27 -25.48 -6.83
C LEU B 92 2.85 -26.79 -6.18
N LYS B 93 2.00 -26.70 -5.14
CA LYS B 93 1.63 -27.82 -4.28
C LYS B 93 0.12 -27.81 -3.95
N HIS B 94 -0.68 -28.33 -4.87
CA HIS B 94 -2.15 -28.27 -4.81
C HIS B 94 -2.81 -28.23 -3.42
N SER B 98 -9.29 -29.50 -3.76
CA SER B 98 -9.68 -28.11 -3.99
C SER B 98 -9.23 -27.50 -5.32
N HIS B 99 -9.32 -26.17 -5.43
CA HIS B 99 -8.75 -25.39 -6.53
C HIS B 99 -7.69 -24.41 -6.02
N ASP B 100 -7.04 -24.78 -4.91
CA ASP B 100 -5.97 -24.00 -4.30
C ASP B 100 -4.62 -24.61 -4.63
N PHE B 101 -3.67 -23.77 -5.05
CA PHE B 101 -2.26 -24.13 -5.17
C PHE B 101 -1.46 -23.61 -3.96
N ARG B 102 -0.14 -23.75 -4.03
CA ARG B 102 0.76 -23.19 -3.02
C ARG B 102 2.07 -22.91 -3.76
N ILE B 103 2.47 -21.63 -3.84
CA ILE B 103 3.60 -21.21 -4.66
C ILE B 103 4.85 -21.18 -3.78
N TYR B 104 5.94 -21.75 -4.31
CA TYR B 104 7.20 -21.93 -3.61
C TYR B 104 8.26 -21.47 -4.60
N ASP B 105 9.21 -20.68 -4.15
CA ASP B 105 10.47 -20.48 -4.87
C ASP B 105 11.45 -21.55 -4.37
N GLN B 106 11.60 -22.63 -5.13
CA GLN B 106 12.28 -23.81 -4.61
C GLN B 106 11.67 -24.18 -3.26
N GLU B 107 12.41 -24.01 -2.19
CA GLU B 107 11.92 -24.44 -0.88
C GLU B 107 11.20 -23.32 -0.12
N ARG B 108 11.08 -22.15 -0.73
CA ARG B 108 10.58 -20.98 -0.03
C ARG B 108 9.09 -20.84 -0.29
N PHE B 109 8.31 -20.85 0.78
CA PHE B 109 6.89 -20.63 0.67
C PHE B 109 6.60 -19.15 0.47
N LEU B 110 6.01 -18.82 -0.68
CA LEU B 110 5.67 -17.46 -1.07
C LEU B 110 4.17 -17.13 -0.98
N MET B 111 3.32 -17.85 -1.73
CA MET B 111 1.94 -17.44 -1.96
C MET B 111 0.98 -18.63 -1.96
N TYR B 112 -0.16 -18.48 -1.25
CA TYR B 112 -1.27 -19.44 -1.17
C TYR B 112 -2.37 -18.94 -2.12
N ALA B 113 -2.48 -19.56 -3.30
CA ALA B 113 -3.43 -19.16 -4.32
C ALA B 113 -4.75 -19.95 -4.23
N HIS B 114 -5.76 -19.44 -4.96
CA HIS B 114 -7.12 -20.01 -4.94
C HIS B 114 -7.87 -19.59 -6.20
N PHE B 115 -8.52 -20.54 -6.85
CA PHE B 115 -9.26 -20.24 -8.08
C PHE B 115 -10.72 -20.57 -7.89
N GLN B 116 -11.52 -20.22 -8.92
CA GLN B 116 -12.89 -20.76 -9.07
C GLN B 116 -12.85 -22.03 -9.94
N ASP B 117 -12.58 -21.87 -11.24
CA ASP B 117 -12.71 -22.97 -12.19
C ASP B 117 -11.60 -23.98 -12.00
N PRO B 118 -11.87 -25.25 -12.36
CA PRO B 118 -10.76 -26.19 -12.33
C PRO B 118 -9.81 -25.93 -13.49
N LEU B 123 -8.54 -16.43 -11.83
CA LEU B 123 -7.89 -16.39 -10.48
C LEU B 123 -8.79 -15.63 -9.49
N ASP B 124 -8.82 -16.01 -8.20
CA ASP B 124 -9.65 -15.39 -7.16
C ASP B 124 -8.82 -14.61 -6.13
N TYR B 125 -8.03 -15.29 -5.29
CA TYR B 125 -7.22 -14.62 -4.26
C TYR B 125 -5.87 -15.30 -4.13
N VAL B 126 -4.89 -14.52 -3.70
CA VAL B 126 -3.49 -14.91 -3.55
C VAL B 126 -2.99 -14.31 -2.25
N ASN B 127 -2.75 -15.15 -1.25
CA ASN B 127 -2.15 -14.67 0.00
C ASN B 127 -0.62 -14.67 -0.09
N HIS B 128 -0.01 -13.77 0.68
CA HIS B 128 1.42 -13.47 0.62
C HIS B 128 1.97 -13.57 2.05
N PHE B 129 3.15 -14.19 2.18
CA PHE B 129 3.69 -14.55 3.48
C PHE B 129 5.15 -14.11 3.63
N ASP B 130 5.52 -13.82 4.89
CA ASP B 130 6.85 -13.36 5.22
C ASP B 130 7.74 -14.56 5.60
N SER B 131 8.95 -14.28 6.07
CA SER B 131 9.91 -15.34 6.39
C SER B 131 9.47 -16.15 7.61
N GLN B 132 8.74 -15.54 8.54
CA GLN B 132 8.09 -16.23 9.65
C GLN B 132 6.73 -16.82 9.25
N ARG B 133 6.48 -16.94 7.93
CA ARG B 133 5.20 -17.43 7.38
C ARG B 133 3.97 -16.61 7.85
N ARG B 134 4.18 -15.41 8.39
CA ARG B 134 3.07 -14.51 8.69
C ARG B 134 2.43 -14.01 7.40
N LYS B 135 1.10 -13.94 7.39
CA LYS B 135 0.32 -13.54 6.22
C LYS B 135 0.20 -12.01 6.22
N VAL B 136 0.82 -11.37 5.24
CA VAL B 136 1.02 -9.93 5.27
C VAL B 136 0.09 -9.21 4.32
N LYS B 137 -0.15 -9.76 3.13
CA LYS B 137 -0.99 -9.13 2.12
C LYS B 137 -1.85 -10.17 1.43
N ARG B 138 -3.05 -9.75 0.96
CA ARG B 138 -3.93 -10.58 0.14
C ARG B 138 -4.31 -9.84 -1.14
N ASP B 139 -4.13 -10.49 -2.27
CA ASP B 139 -4.54 -9.97 -3.56
C ASP B 139 -5.90 -10.53 -3.98
N PHE B 140 -6.85 -9.62 -4.25
CA PHE B 140 -8.23 -9.93 -4.59
C PHE B 140 -8.50 -9.54 -6.03
N TYR B 141 -8.73 -10.53 -6.89
CA TYR B 141 -8.78 -10.37 -8.34
C TYR B 141 -10.22 -10.23 -8.83
N ASP B 142 -10.38 -9.43 -9.89
CA ASP B 142 -11.69 -9.18 -10.48
C ASP B 142 -11.93 -10.30 -11.47
N VAL B 143 -13.20 -10.72 -11.57
CA VAL B 143 -13.61 -11.75 -12.51
C VAL B 143 -13.08 -11.43 -13.90
N ARG B 144 -13.01 -10.15 -14.26
CA ARG B 144 -12.61 -9.76 -15.60
C ARG B 144 -11.14 -9.91 -15.84
N GLY B 145 -10.37 -10.31 -14.82
CA GLY B 145 -8.94 -10.51 -15.01
C GLY B 145 -7.95 -9.69 -14.20
N PHE B 146 -8.16 -8.37 -14.08
CA PHE B 146 -7.21 -7.51 -13.40
C PHE B 146 -7.29 -7.70 -11.87
N LEU B 147 -6.24 -7.22 -11.20
CA LEU B 147 -6.12 -7.25 -9.75
C LEU B 147 -6.78 -6.00 -9.18
N SER B 148 -7.70 -6.20 -8.25
CA SER B 148 -8.64 -5.16 -7.89
C SER B 148 -8.31 -4.52 -6.56
N CYS B 149 -8.13 -5.32 -5.51
CA CYS B 149 -7.78 -4.78 -4.23
C CYS B 149 -6.70 -5.65 -3.58
N SER B 150 -5.70 -5.03 -3.00
CA SER B 150 -4.82 -5.73 -2.08
C SER B 150 -5.11 -5.24 -0.68
N ARG B 151 -5.10 -6.16 0.28
CA ARG B 151 -5.36 -5.88 1.68
C ARG B 151 -4.12 -6.24 2.50
N ILE B 152 -3.79 -5.38 3.45
CA ILE B 152 -2.58 -5.47 4.23
C ILE B 152 -3.02 -5.86 5.64
N LEU B 153 -2.42 -6.94 6.16
CA LEU B 153 -2.80 -7.53 7.43
C LEU B 153 -1.81 -7.19 8.53
N VAL B 154 -2.29 -7.20 9.78
CA VAL B 154 -1.45 -6.97 10.96
C VAL B 154 -2.00 -7.83 12.08
N ASP B 155 -1.19 -8.00 13.15
CA ASP B 155 -1.64 -8.65 14.38
C ASP B 155 -2.20 -10.02 14.03
N LYS B 156 -3.45 -10.34 14.39
CA LYS B 156 -4.02 -11.65 14.10
C LYS B 156 -4.95 -11.56 12.88
N GLN B 157 -4.35 -11.62 11.70
CA GLN B 157 -5.07 -11.66 10.43
C GLN B 157 -6.08 -10.50 10.30
N GLN B 158 -5.80 -9.40 10.99
CA GLN B 158 -6.70 -8.27 11.08
C GLN B 158 -6.44 -7.26 9.97
N THR B 159 -7.48 -6.51 9.60
CA THR B 159 -7.43 -5.64 8.43
C THR B 159 -6.90 -4.27 8.79
N LEU B 160 -5.76 -3.91 8.19
CA LEU B 160 -5.16 -2.60 8.45
C LEU B 160 -5.49 -1.58 7.36
N CYS B 161 -5.31 -1.94 6.08
CA CYS B 161 -5.62 -1.02 5.00
C CYS B 161 -5.70 -1.75 3.68
N GLU B 162 -6.42 -1.13 2.74
CA GLU B 162 -6.65 -1.72 1.44
C GLU B 162 -6.39 -0.71 0.33
N PHE B 163 -5.93 -1.20 -0.78
CA PHE B 163 -5.55 -0.38 -1.91
C PHE B 163 -6.29 -0.97 -3.07
N PHE B 164 -6.88 -0.11 -3.89
CA PHE B 164 -7.74 -0.52 -4.99
C PHE B 164 -7.12 -0.03 -6.28
N TYR B 165 -6.94 -0.92 -7.24
CA TYR B 165 -6.18 -0.55 -8.44
C TYR B 165 -7.04 -0.42 -9.69
N ASN B 166 -6.60 0.38 -10.65
CA ASN B 166 -7.20 0.30 -11.97
C ASN B 166 -6.59 -0.88 -12.68
N PRO B 167 -7.13 -1.24 -13.85
CA PRO B 167 -6.62 -2.43 -14.55
C PRO B 167 -5.14 -2.37 -14.87
N GLU B 168 -4.57 -1.19 -15.09
CA GLU B 168 -3.13 -1.06 -15.35
C GLU B 168 -2.32 -1.42 -14.11
N GLY B 169 -2.77 -1.01 -12.93
CA GLY B 169 -2.05 -1.27 -11.70
C GLY B 169 -1.90 -0.03 -10.85
N ASP B 170 -2.21 1.14 -11.43
CA ASP B 170 -2.21 2.38 -10.66
C ASP B 170 -3.15 2.28 -9.45
N THR B 171 -2.73 2.88 -8.31
CA THR B 171 -3.56 2.96 -7.11
C THR B 171 -4.60 4.08 -7.26
N LYS B 172 -5.87 3.71 -7.09
CA LYS B 172 -6.96 4.66 -7.20
C LYS B 172 -7.70 4.96 -5.91
N LEU B 173 -7.69 4.06 -4.93
CA LEU B 173 -8.30 4.34 -3.65
C LEU B 173 -7.52 3.67 -2.55
N GLU B 174 -7.57 4.24 -1.34
CA GLU B 174 -6.92 3.67 -0.17
C GLU B 174 -7.90 3.78 0.97
N LYS B 175 -8.13 2.69 1.68
CA LYS B 175 -8.96 2.66 2.89
C LYS B 175 -8.09 2.30 4.07
N TYR B 176 -8.21 3.03 5.17
CA TYR B 176 -7.49 2.79 6.41
C TYR B 176 -8.48 2.47 7.52
N PHE B 177 -8.23 1.39 8.25
CA PHE B 177 -9.14 0.86 9.23
C PHE B 177 -8.53 0.96 10.61
N SER B 178 -9.33 0.57 11.61
CA SER B 178 -8.83 0.15 12.91
C SER B 178 -10.03 -0.37 13.70
N TYR B 179 -9.81 -1.43 14.47
CA TYR B 179 -10.93 -2.16 15.09
C TYR B 179 -11.52 -1.45 16.30
N PRO B 184 -13.29 -3.76 12.76
CA PRO B 184 -12.65 -3.31 11.51
C PRO B 184 -13.39 -2.10 10.91
N GLU B 185 -13.30 -0.89 11.49
CA GLU B 185 -14.10 0.23 10.98
C GLU B 185 -13.25 1.25 10.21
N VAL B 186 -13.71 1.57 8.99
CA VAL B 186 -13.07 2.57 8.16
C VAL B 186 -12.90 3.87 8.92
N GLN B 187 -11.67 4.39 8.93
CA GLN B 187 -11.38 5.69 9.50
C GLN B 187 -10.96 6.73 8.46
N LYS B 188 -10.57 6.28 7.26
CA LYS B 188 -10.02 7.19 6.27
C LYS B 188 -10.12 6.54 4.91
N ILE B 189 -10.49 7.33 3.91
CA ILE B 189 -10.57 6.91 2.50
C ILE B 189 -9.87 7.96 1.66
N ILE B 190 -8.91 7.55 0.86
CA ILE B 190 -8.19 8.42 -0.06
C ILE B 190 -8.56 7.97 -1.44
N VAL B 191 -8.87 8.92 -2.31
CA VAL B 191 -9.24 8.62 -3.69
C VAL B 191 -8.37 9.45 -4.62
N TYR B 192 -7.69 8.78 -5.52
CA TYR B 192 -6.94 9.42 -6.60
C TYR B 192 -7.89 9.52 -7.78
N TYR B 193 -8.41 10.73 -8.03
CA TYR B 193 -9.33 11.05 -9.11
C TYR B 193 -8.99 12.42 -9.70
N ALA B 194 -9.15 12.56 -11.00
CA ALA B 194 -9.08 13.88 -11.63
C ALA B 194 -7.79 14.58 -11.26
N ASN B 195 -6.70 13.83 -11.34
CA ASN B 195 -5.37 14.34 -11.07
C ASN B 195 -5.24 14.98 -9.72
N LYS B 196 -6.00 14.51 -8.71
CA LYS B 196 -5.86 15.06 -7.36
C LYS B 196 -6.16 13.99 -6.30
N GLN B 197 -6.19 14.39 -5.04
CA GLN B 197 -6.44 13.50 -3.91
C GLN B 197 -7.66 13.99 -3.14
N TYR B 198 -8.64 13.13 -2.94
CA TYR B 198 -9.79 13.45 -2.13
C TYR B 198 -9.82 12.59 -0.88
N PHE B 199 -10.34 13.15 0.17
CA PHE B 199 -10.21 12.62 1.50
C PHE B 199 -11.61 12.53 2.08
N PHE B 200 -11.94 11.34 2.58
CA PHE B 200 -13.26 11.02 3.10
C PHE B 200 -13.08 10.27 4.39
N ASN B 201 -14.05 10.42 5.30
CA ASN B 201 -13.97 9.78 6.61
C ASN B 201 -14.62 8.43 6.61
N ASN B 202 -15.47 8.16 5.61
CA ASN B 202 -16.26 6.93 5.60
C ASN B 202 -16.85 6.69 4.23
N GLU B 203 -17.55 5.56 4.09
CA GLU B 203 -18.11 5.15 2.81
C GLU B 203 -19.31 6.00 2.38
N THR B 204 -20.11 6.47 3.34
CA THR B 204 -21.21 7.35 2.98
C THR B 204 -20.70 8.62 2.33
N GLU B 205 -19.58 9.16 2.84
CA GLU B 205 -19.01 10.36 2.22
C GLU B 205 -18.45 10.06 0.84
N LEU B 206 -17.73 8.95 0.68
CA LEU B 206 -17.34 8.51 -0.66
C LEU B 206 -18.57 8.40 -1.58
N GLY B 207 -19.56 7.65 -1.15
CA GLY B 207 -20.83 7.64 -1.83
C GLY B 207 -21.32 9.00 -2.31
N ALA B 208 -21.45 9.95 -1.39
CA ALA B 208 -21.89 11.28 -1.82
C ALA B 208 -20.96 11.88 -2.89
N PHE B 209 -19.64 11.66 -2.75
CA PHE B 209 -18.72 12.24 -3.71
C PHE B 209 -18.95 11.64 -5.08
N PHE B 210 -19.16 10.31 -5.11
CA PHE B 210 -19.48 9.61 -6.34
C PHE B 210 -20.71 10.19 -7.00
N ILE B 211 -21.81 10.30 -6.26
CA ILE B 211 -23.04 10.82 -6.84
C ILE B 211 -22.83 12.21 -7.40
N LYS B 212 -22.04 13.04 -6.72
CA LYS B 212 -21.79 14.38 -7.25
C LYS B 212 -21.03 14.32 -8.56
N GLN B 213 -20.20 13.30 -8.78
CA GLN B 213 -19.52 13.25 -10.07
C GLN B 213 -20.44 12.71 -11.17
N LEU B 214 -21.39 11.86 -10.83
CA LEU B 214 -22.29 11.35 -11.85
C LEU B 214 -23.19 12.45 -12.38
N TYR B 215 -23.63 13.33 -11.49
CA TYR B 215 -24.70 14.25 -11.84
C TYR B 215 -24.20 15.21 -12.88
N GLN B 216 -24.99 15.36 -13.98
CA GLN B 216 -25.01 16.51 -14.86
C GLN B 216 -26.43 17.05 -14.93
N HIS B 217 -26.52 18.36 -15.16
CA HIS B 217 -27.77 19.10 -15.01
C HIS B 217 -28.85 18.42 -15.82
N GLY B 218 -29.99 18.22 -15.18
CA GLY B 218 -31.12 17.57 -15.81
C GLY B 218 -31.21 16.06 -15.64
N ASP B 219 -30.17 15.40 -15.15
CA ASP B 219 -30.28 14.00 -14.75
C ASP B 219 -31.31 13.85 -13.60
N LEU B 220 -31.63 12.60 -13.26
CA LEU B 220 -32.47 12.30 -12.13
C LEU B 220 -32.00 11.03 -11.43
N PHE B 221 -32.06 11.06 -10.11
CA PHE B 221 -31.64 9.95 -9.28
C PHE B 221 -32.84 9.36 -8.54
N PHE B 222 -32.80 8.05 -8.36
CA PHE B 222 -33.82 7.30 -7.64
C PHE B 222 -33.14 6.51 -6.53
N SER B 223 -33.71 6.62 -5.30
CA SER B 223 -33.12 6.00 -4.12
C SER B 223 -33.92 4.75 -3.81
N ASP B 224 -33.32 3.62 -4.19
CA ASP B 224 -33.99 2.34 -4.20
C ASP B 224 -33.57 1.46 -3.05
N ARG B 225 -32.36 1.61 -2.53
CA ARG B 225 -31.85 0.86 -1.38
C ARG B 225 -31.60 1.84 -0.24
N ASN B 226 -32.70 2.24 0.37
CA ASN B 226 -32.68 3.45 1.16
C ASN B 226 -31.80 3.34 2.39
N VAL B 227 -31.63 2.16 2.95
CA VAL B 227 -30.76 2.06 4.11
C VAL B 227 -29.36 2.52 3.76
N TYR B 228 -28.94 2.33 2.53
CA TYR B 228 -27.60 2.75 2.15
C TYR B 228 -27.63 4.02 1.36
N THR B 229 -28.66 4.21 0.55
CA THR B 229 -28.65 5.31 -0.40
C THR B 229 -29.18 6.60 0.19
N ALA B 230 -30.07 6.54 1.19
CA ALA B 230 -30.53 7.79 1.79
C ALA B 230 -29.41 8.54 2.50
N PRO B 231 -28.63 7.93 3.39
CA PRO B 231 -27.51 8.70 4.00
C PRO B 231 -26.62 9.34 2.94
N ILE B 232 -26.39 8.65 1.83
CA ILE B 232 -25.55 9.22 0.78
C ILE B 232 -26.21 10.47 0.23
N PHE B 233 -27.50 10.38 -0.11
CA PHE B 233 -28.20 11.51 -0.72
C PHE B 233 -28.33 12.65 0.27
N ASN B 234 -28.47 12.34 1.55
CA ASN B 234 -28.56 13.36 2.59
C ASN B 234 -27.32 14.24 2.67
N LEU B 235 -26.17 13.79 2.19
CA LEU B 235 -24.96 14.61 2.09
C LEU B 235 -24.70 15.17 0.70
N THR B 236 -25.70 15.25 -0.15
CA THR B 236 -25.51 15.78 -1.50
C THR B 236 -26.37 17.02 -1.67
N PRO B 237 -25.98 17.91 -2.55
CA PRO B 237 -26.75 19.15 -2.74
C PRO B 237 -28.18 18.92 -3.24
N GLU B 238 -29.10 19.77 -2.76
CA GLU B 238 -30.54 19.73 -3.14
C GLU B 238 -30.67 19.98 -4.65
N SER B 239 -29.76 20.73 -5.27
CA SER B 239 -29.73 21.01 -6.74
C SER B 239 -29.74 19.68 -7.50
N ILE B 240 -29.37 18.57 -6.86
CA ILE B 240 -29.41 17.23 -7.40
C ILE B 240 -30.77 16.62 -7.04
N PRO B 241 -31.69 16.40 -8.03
CA PRO B 241 -33.02 15.87 -7.72
C PRO B 241 -32.92 14.37 -7.42
N VAL B 242 -33.56 13.87 -6.35
CA VAL B 242 -33.57 12.42 -5.99
C VAL B 242 -35.01 12.04 -5.58
N VAL B 243 -35.57 10.93 -6.07
CA VAL B 243 -36.95 10.43 -5.76
C VAL B 243 -36.78 9.16 -4.95
N ALA B 244 -37.26 9.08 -3.70
CA ALA B 244 -37.20 7.90 -2.86
C ALA B 244 -38.18 6.85 -3.39
N VAL B 245 -37.71 5.62 -3.47
CA VAL B 245 -38.56 4.53 -3.97
C VAL B 245 -38.73 3.53 -2.85
N LEU B 246 -39.95 3.36 -2.38
CA LEU B 246 -40.27 2.43 -1.32
C LEU B 246 -40.67 1.10 -1.95
N HIS B 247 -39.95 0.03 -1.64
CA HIS B 247 -40.21 -1.29 -2.23
C HIS B 247 -41.02 -2.19 -1.31
N SER B 248 -41.23 -1.80 -0.07
CA SER B 248 -42.01 -2.60 0.85
C SER B 248 -42.87 -1.68 1.70
N THR B 249 -43.46 -2.25 2.75
CA THR B 249 -44.28 -1.46 3.66
C THR B 249 -43.39 -0.48 4.42
N HIS B 250 -43.91 0.71 4.63
CA HIS B 250 -43.13 1.81 5.16
C HIS B 250 -43.02 1.85 6.68
N ILE B 251 -43.81 1.05 7.42
CA ILE B 251 -43.85 1.11 8.87
C ILE B 251 -43.75 -0.30 9.44
N LYS B 252 -43.14 -0.37 10.63
CA LYS B 252 -42.89 -1.65 11.26
C LYS B 252 -44.17 -2.48 11.43
N ASN B 253 -45.28 -1.85 11.84
CA ASN B 253 -46.55 -2.56 12.06
C ASN B 253 -47.62 -1.82 11.27
N ILE B 254 -48.24 -2.51 10.32
CA ILE B 254 -49.13 -1.88 9.36
C ILE B 254 -50.47 -1.47 9.95
N ASP B 255 -50.81 -1.96 11.15
CA ASP B 255 -52.11 -1.64 11.74
C ASP B 255 -52.07 -0.38 12.60
N ALA B 256 -50.87 0.10 12.85
CA ALA B 256 -50.59 1.36 13.57
C ALA B 256 -50.21 2.32 12.44
N LEU B 257 -51.15 2.83 11.66
CA LEU B 257 -50.77 3.61 10.49
C LEU B 257 -50.01 4.86 10.91
N ASP B 258 -50.64 5.70 11.74
CA ASP B 258 -50.05 6.99 12.13
C ASP B 258 -49.08 6.91 13.32
N SER B 259 -49.01 5.80 14.06
CA SER B 259 -48.20 5.68 15.30
C SER B 259 -46.93 4.83 15.09
N SER B 260 -46.94 3.83 14.20
CA SER B 260 -45.79 2.97 14.06
C SER B 260 -44.57 3.74 13.59
N PRO B 261 -43.37 3.36 14.04
CA PRO B 261 -42.17 3.95 13.45
C PRO B 261 -41.96 3.44 12.04
N PHE B 262 -41.40 4.31 11.21
CA PHE B 262 -40.88 3.86 9.95
C PHE B 262 -39.91 2.71 10.15
N LYS B 263 -39.88 1.78 9.19
CA LYS B 263 -38.92 0.69 9.23
C LYS B 263 -37.50 1.27 9.23
N ASN B 264 -36.58 0.49 9.78
CA ASN B 264 -35.23 0.99 9.90
C ASN B 264 -34.69 1.43 8.54
N VAL B 265 -34.87 0.59 7.52
CA VAL B 265 -34.26 0.85 6.22
C VAL B 265 -34.74 2.14 5.61
N TYR B 266 -35.79 2.75 6.16
CA TYR B 266 -36.32 3.99 5.61
C TYR B 266 -36.25 5.20 6.55
N LYS B 267 -35.80 5.04 7.82
CA LYS B 267 -35.78 6.17 8.79
C LYS B 267 -35.00 7.39 8.23
N ALA B 268 -33.79 7.14 7.74
CA ALA B 268 -32.98 8.25 7.26
C ALA B 268 -33.62 8.95 6.07
N MET B 269 -34.29 8.21 5.22
CA MET B 269 -35.12 8.88 4.22
C MET B 269 -36.21 9.71 4.88
N PHE B 270 -37.08 9.08 5.69
CA PHE B 270 -38.21 9.81 6.24
C PHE B 270 -37.80 10.98 7.14
N GLU B 271 -36.63 10.91 7.78
CA GLU B 271 -36.23 11.99 8.67
C GLU B 271 -35.57 13.10 7.90
N ASN B 272 -35.54 13.00 6.57
CA ASN B 272 -35.04 14.06 5.70
C ASN B 272 -35.92 14.16 4.45
N LEU B 273 -37.22 14.19 4.71
CA LEU B 273 -38.19 14.19 3.60
C LEU B 273 -37.94 15.31 2.60
N SER B 274 -37.56 16.48 3.09
CA SER B 274 -37.42 17.63 2.20
C SER B 274 -36.29 17.48 1.18
N ARG B 275 -35.40 16.48 1.35
CA ARG B 275 -34.34 16.23 0.38
C ARG B 275 -34.86 15.57 -0.88
N TYR B 276 -36.06 14.97 -0.83
CA TYR B 276 -36.58 14.16 -1.92
C TYR B 276 -37.71 14.86 -2.66
N ARG B 277 -37.63 14.85 -3.99
CA ARG B 277 -38.73 15.39 -4.81
C ARG B 277 -40.05 14.63 -4.60
N ALA B 278 -39.98 13.33 -4.32
CA ALA B 278 -41.20 12.53 -4.21
C ALA B 278 -40.88 11.18 -3.60
N ILE B 279 -41.93 10.51 -3.18
CA ILE B 279 -41.87 9.10 -2.85
C ILE B 279 -42.67 8.31 -3.89
N ILE B 280 -42.14 7.18 -4.28
CA ILE B 280 -42.82 6.25 -5.16
C ILE B 280 -43.10 4.96 -4.43
N VAL B 281 -44.36 4.54 -4.47
CA VAL B 281 -44.77 3.22 -4.03
C VAL B 281 -45.54 2.59 -5.17
N SER B 282 -45.83 1.30 -5.03
CA SER B 282 -46.40 0.59 -6.16
C SER B 282 -47.93 0.56 -6.18
N THR B 283 -48.63 0.69 -5.02
CA THR B 283 -50.09 0.55 -4.94
C THR B 283 -50.76 1.82 -4.44
N GLU B 284 -51.84 2.21 -5.10
CA GLU B 284 -52.51 3.45 -4.71
C GLU B 284 -52.90 3.41 -3.22
N GLN B 285 -53.23 2.25 -2.71
CA GLN B 285 -53.52 2.11 -1.30
C GLN B 285 -52.32 2.54 -0.45
N GLN B 286 -51.10 2.06 -0.73
CA GLN B 286 -49.89 2.48 0.01
C GLN B 286 -49.63 3.97 -0.29
N LYS B 287 -50.01 4.48 -1.45
CA LYS B 287 -49.85 5.92 -1.72
C LYS B 287 -50.69 6.66 -0.66
N LEU B 288 -51.86 6.22 -0.23
CA LEU B 288 -52.77 6.97 0.63
C LEU B 288 -52.31 6.89 2.07
N ASP B 289 -51.91 5.72 2.52
CA ASP B 289 -51.33 5.62 3.86
C ASP B 289 -50.11 6.54 4.03
N VAL B 290 -49.13 6.44 3.15
CA VAL B 290 -47.93 7.24 3.30
C VAL B 290 -48.27 8.72 3.23
N GLU B 291 -49.05 9.12 2.22
CA GLU B 291 -49.48 10.55 2.05
C GLU B 291 -49.94 11.06 3.42
N LYS B 292 -50.91 10.41 4.07
CA LYS B 292 -51.43 10.92 5.34
C LYS B 292 -50.34 10.88 6.40
N ARG B 293 -49.63 9.76 6.49
CA ARG B 293 -48.62 9.63 7.53
C ARG B 293 -47.61 10.77 7.53
N ILE B 294 -47.39 11.41 6.38
CA ILE B 294 -46.40 12.47 6.24
C ILE B 294 -47.05 13.83 5.92
N ASN B 295 -48.35 13.93 6.11
CA ASN B 295 -49.10 15.17 5.98
C ASN B 295 -48.71 15.92 4.72
N HIS B 296 -48.72 15.18 3.61
CA HIS B 296 -48.55 15.71 2.25
C HIS B 296 -47.32 16.61 2.10
N THR B 297 -46.22 16.29 2.81
CA THR B 297 -45.02 17.12 2.77
C THR B 297 -44.40 17.16 1.36
N ILE B 298 -44.23 16.01 0.72
CA ILE B 298 -43.80 15.93 -0.67
C ILE B 298 -44.74 14.97 -1.38
N PRO B 299 -44.79 15.00 -2.70
CA PRO B 299 -45.74 14.13 -3.42
C PRO B 299 -45.45 12.66 -3.26
N VAL B 300 -46.51 11.90 -3.08
CA VAL B 300 -46.47 10.46 -3.15
C VAL B 300 -47.19 10.06 -4.43
N VAL B 301 -46.57 9.12 -5.15
CA VAL B 301 -47.05 8.62 -6.44
C VAL B 301 -46.93 7.11 -6.45
N ASN B 302 -48.01 6.44 -6.89
CA ASN B 302 -48.04 4.99 -7.07
C ASN B 302 -47.77 4.69 -8.53
N ILE B 303 -46.67 3.97 -8.77
CA ILE B 303 -46.30 3.36 -10.03
C ILE B 303 -45.99 1.89 -9.75
N PRO B 304 -46.63 0.96 -10.45
CA PRO B 304 -46.38 -0.45 -10.17
C PRO B 304 -44.93 -0.84 -10.42
N VAL B 305 -44.43 -1.69 -9.52
CA VAL B 305 -43.05 -2.19 -9.57
C VAL B 305 -42.90 -3.29 -10.62
N GLY B 306 -43.99 -3.69 -11.28
CA GLY B 306 -43.91 -4.68 -12.33
C GLY B 306 -45.02 -4.53 -13.35
N TYR B 307 -44.78 -5.05 -14.55
CA TYR B 307 -45.69 -4.96 -15.67
C TYR B 307 -46.05 -6.35 -16.17
N SER B 308 -47.18 -6.43 -16.87
CA SER B 308 -47.63 -7.69 -17.45
C SER B 308 -47.08 -7.78 -18.85
N GLU B 309 -46.48 -8.93 -19.17
CA GLU B 309 -45.81 -9.20 -20.43
C GLU B 309 -46.77 -9.89 -21.39
N THR B 310 -46.50 -9.73 -22.68
CA THR B 310 -47.28 -10.41 -23.68
C THR B 310 -47.00 -11.92 -23.58
N ILE B 311 -48.05 -12.69 -23.76
CA ILE B 311 -48.01 -14.13 -23.51
C ILE B 311 -47.47 -14.83 -24.75
N ASP B 312 -46.60 -15.82 -24.54
CA ASP B 312 -46.07 -16.67 -25.60
C ASP B 312 -46.44 -18.14 -25.45
N THR B 313 -47.01 -18.57 -24.33
CA THR B 313 -47.38 -19.95 -24.05
C THR B 313 -48.89 -20.11 -24.07
N PRO B 314 -49.38 -21.34 -24.17
CA PRO B 314 -50.83 -21.50 -24.21
C PRO B 314 -51.49 -21.10 -22.89
N VAL B 315 -52.72 -20.59 -22.99
CA VAL B 315 -53.46 -20.18 -21.80
C VAL B 315 -54.75 -20.96 -21.68
N GLN B 316 -55.04 -21.37 -20.46
CA GLN B 316 -56.32 -21.90 -20.06
C GLN B 316 -56.67 -23.15 -20.86
N THR B 317 -55.70 -24.01 -21.05
CA THR B 317 -55.94 -25.38 -21.49
C THR B 317 -56.32 -26.26 -20.30
N LEU B 318 -57.57 -26.17 -19.93
CA LEU B 318 -58.10 -26.93 -18.81
C LEU B 318 -58.63 -28.26 -19.31
N ASP B 319 -59.00 -29.11 -18.37
CA ASP B 319 -59.36 -30.50 -18.64
C ASP B 319 -60.03 -31.03 -17.39
N GLN B 320 -60.97 -31.98 -17.54
CA GLN B 320 -61.77 -32.52 -16.40
C GLN B 320 -60.88 -33.43 -15.53
N ARG B 321 -59.81 -34.00 -16.11
CA ARG B 321 -58.93 -34.98 -15.40
C ARG B 321 -58.40 -34.38 -14.08
N SER B 322 -58.19 -33.07 -13.99
CA SER B 322 -57.60 -32.47 -12.79
C SER B 322 -57.94 -30.98 -12.70
N VAL B 323 -58.26 -30.55 -11.50
CA VAL B 323 -58.47 -29.15 -11.19
C VAL B 323 -57.21 -28.70 -10.48
N LYS B 324 -56.45 -27.83 -11.14
CA LYS B 324 -55.14 -27.43 -10.65
C LYS B 324 -55.21 -26.07 -10.00
N LEU B 325 -54.99 -26.04 -8.66
CA LEU B 325 -54.84 -24.82 -7.89
C LEU B 325 -53.36 -24.53 -7.74
N ILE B 326 -52.98 -23.24 -7.71
CA ILE B 326 -51.57 -22.91 -7.53
C ILE B 326 -51.36 -21.81 -6.52
N SER B 327 -50.16 -21.86 -5.97
CA SER B 327 -49.66 -20.85 -5.07
C SER B 327 -48.25 -20.55 -5.51
N VAL B 328 -47.95 -19.27 -5.62
CA VAL B 328 -46.65 -18.78 -6.09
C VAL B 328 -46.18 -17.80 -5.02
N ALA B 329 -45.36 -18.26 -4.08
CA ALA B 329 -45.12 -17.53 -2.86
C ALA B 329 -44.04 -18.19 -2.02
N ARG B 330 -43.18 -17.36 -1.43
CA ARG B 330 -42.12 -17.83 -0.56
C ARG B 330 -42.68 -18.79 0.48
N TYR B 331 -41.90 -19.78 0.83
CA TYR B 331 -42.34 -20.73 1.84
C TYR B 331 -42.07 -20.13 3.22
N SER B 332 -42.79 -19.06 3.52
CA SER B 332 -42.51 -18.20 4.66
C SER B 332 -43.71 -17.98 5.57
N PRO B 333 -43.47 -17.44 6.77
CA PRO B 333 -44.57 -17.37 7.75
C PRO B 333 -45.73 -16.48 7.31
N GLU B 334 -45.44 -15.28 6.82
CA GLU B 334 -46.51 -14.36 6.47
C GLU B 334 -47.37 -14.87 5.31
N LYS B 335 -46.94 -15.93 4.60
CA LYS B 335 -47.75 -16.47 3.51
C LYS B 335 -48.78 -17.49 3.99
N GLN B 336 -48.55 -18.10 5.16
CA GLN B 336 -49.53 -18.96 5.81
C GLN B 336 -49.99 -20.03 4.86
N LEU B 337 -49.02 -20.71 4.27
CA LEU B 337 -49.34 -21.69 3.25
C LEU B 337 -50.03 -22.92 3.79
N HIS B 338 -49.89 -23.19 5.11
CA HIS B 338 -50.60 -24.31 5.72
C HIS B 338 -52.11 -24.20 5.50
N GLN B 339 -52.64 -22.98 5.53
CA GLN B 339 -54.06 -22.79 5.26
C GLN B 339 -54.48 -23.44 3.96
N GLN B 340 -53.61 -23.34 2.93
CA GLN B 340 -53.99 -23.86 1.62
C GLN B 340 -53.97 -25.38 1.66
N ILE B 341 -53.03 -25.93 2.39
CA ILE B 341 -53.05 -27.37 2.59
C ILE B 341 -54.34 -27.77 3.32
N GLU B 342 -54.74 -26.95 4.29
CA GLU B 342 -55.97 -27.20 5.01
C GLU B 342 -57.14 -27.13 4.06
N LEU B 343 -57.14 -26.12 3.19
CA LEU B 343 -58.19 -26.00 2.19
C LEU B 343 -58.32 -27.30 1.41
N ILE B 344 -57.19 -27.84 0.97
CA ILE B 344 -57.25 -29.06 0.17
C ILE B 344 -57.81 -30.20 0.99
N LYS B 345 -57.39 -30.32 2.25
CA LYS B 345 -58.00 -31.29 3.16
C LYS B 345 -59.53 -31.21 3.12
N ARG B 346 -60.09 -30.03 3.43
CA ARG B 346 -61.53 -29.86 3.32
C ARG B 346 -62.07 -30.27 1.94
N LEU B 347 -61.38 -29.85 0.87
CA LEU B 347 -61.96 -29.89 -0.46
C LEU B 347 -61.90 -31.26 -1.11
N VAL B 348 -60.89 -32.07 -0.79
CA VAL B 348 -60.65 -33.24 -1.62
C VAL B 348 -61.77 -34.24 -1.51
N SER B 349 -62.54 -34.19 -0.43
CA SER B 349 -63.75 -35.02 -0.34
C SER B 349 -64.89 -34.57 -1.28
N TYR B 350 -65.00 -33.32 -1.61
CA TYR B 350 -65.89 -32.86 -2.66
C TYR B 350 -65.23 -32.96 -4.02
N VAL B 351 -63.91 -32.80 -4.11
CA VAL B 351 -63.21 -32.75 -5.40
C VAL B 351 -62.05 -33.73 -5.45
N PRO B 352 -62.28 -34.99 -5.79
CA PRO B 352 -61.18 -35.98 -5.68
C PRO B 352 -60.04 -35.71 -6.62
N LYS B 353 -60.26 -34.94 -7.68
CA LYS B 353 -59.22 -34.73 -8.71
C LYS B 353 -58.40 -33.44 -8.47
N ILE B 354 -58.49 -32.88 -7.30
CA ILE B 354 -57.90 -31.58 -6.98
C ILE B 354 -56.39 -31.69 -6.73
N GLU B 355 -55.65 -30.70 -7.19
CA GLU B 355 -54.20 -30.66 -7.01
C GLU B 355 -53.83 -29.25 -6.58
N LEU B 356 -52.97 -29.13 -5.57
CA LEU B 356 -52.40 -27.85 -5.20
C LEU B 356 -50.90 -27.90 -5.41
N HIS B 357 -50.42 -27.04 -6.29
CA HIS B 357 -49.01 -26.86 -6.59
C HIS B 357 -48.53 -25.54 -6.04
N MET B 358 -47.51 -25.59 -5.19
CA MET B 358 -46.99 -24.43 -4.51
C MET B 358 -45.55 -24.18 -4.91
N TYR B 359 -45.33 -23.04 -5.54
CA TYR B 359 -44.03 -22.70 -6.06
C TYR B 359 -43.40 -21.62 -5.19
N GLY B 360 -42.25 -21.93 -4.59
CA GLY B 360 -41.51 -20.95 -3.83
C GLY B 360 -40.39 -21.65 -3.09
N PHE B 361 -39.74 -20.90 -2.21
CA PHE B 361 -38.66 -21.42 -1.36
C PHE B 361 -38.76 -20.76 0.02
N GLY B 362 -38.27 -21.47 1.06
CA GLY B 362 -38.07 -20.84 2.34
C GLY B 362 -38.15 -21.77 3.55
N SER B 363 -38.15 -21.12 4.71
CA SER B 363 -38.02 -21.83 5.98
C SER B 363 -39.09 -22.88 6.17
N GLU B 364 -40.30 -22.65 5.64
CA GLU B 364 -41.51 -23.37 6.04
C GLU B 364 -41.60 -24.75 5.43
N SER B 365 -40.58 -25.17 4.67
CA SER B 365 -40.67 -26.35 3.81
C SER B 365 -40.97 -27.58 4.63
N LYS B 366 -40.10 -27.88 5.60
CA LYS B 366 -40.24 -29.14 6.35
C LYS B 366 -41.63 -29.20 6.99
N LYS B 367 -42.04 -28.12 7.62
CA LYS B 367 -43.37 -28.13 8.23
C LYS B 367 -44.45 -28.45 7.20
N LEU B 368 -44.49 -27.69 6.11
CA LEU B 368 -45.50 -27.89 5.08
C LEU B 368 -45.42 -29.32 4.56
N ASN B 369 -44.22 -29.78 4.25
CA ASN B 369 -44.10 -31.10 3.65
C ASN B 369 -44.61 -32.18 4.56
N GLU B 370 -44.73 -31.88 5.85
CA GLU B 370 -45.13 -32.87 6.84
C GLU B 370 -46.61 -32.76 7.15
N LEU B 371 -47.17 -31.55 7.07
CA LEU B 371 -48.64 -31.35 7.13
C LEU B 371 -49.23 -32.12 5.95
N ILE B 372 -48.53 -32.17 4.79
CA ILE B 372 -49.00 -32.92 3.63
C ILE B 372 -48.96 -34.41 3.91
N GLN B 373 -47.80 -34.90 4.37
CA GLN B 373 -47.65 -36.30 4.78
C GLN B 373 -48.67 -36.67 5.84
N LYS B 374 -48.97 -35.73 6.75
CA LYS B 374 -49.86 -36.01 7.86
C LYS B 374 -51.29 -36.22 7.38
N TYR B 375 -51.75 -35.47 6.39
CA TYR B 375 -53.15 -35.53 5.89
C TYR B 375 -53.27 -36.53 4.73
N GLY B 376 -52.29 -37.41 4.48
CA GLY B 376 -52.42 -38.30 3.33
C GLY B 376 -52.58 -37.57 2.01
N LEU B 377 -52.02 -36.37 1.91
CA LEU B 377 -52.23 -35.48 0.79
C LEU B 377 -51.10 -35.52 -0.22
N GLU B 378 -50.21 -36.50 -0.12
CA GLU B 378 -49.03 -36.56 -0.98
C GLU B 378 -49.34 -36.58 -2.48
N ASN B 379 -50.54 -36.97 -2.87
CA ASN B 379 -50.91 -37.03 -4.28
C ASN B 379 -51.83 -35.88 -4.68
N HIS B 380 -51.97 -34.90 -3.80
CA HIS B 380 -52.85 -33.78 -4.07
C HIS B 380 -52.12 -32.47 -3.88
N VAL B 381 -51.07 -32.43 -3.06
CA VAL B 381 -50.39 -31.18 -2.73
C VAL B 381 -48.90 -31.37 -3.00
N TYR B 382 -48.30 -30.49 -3.83
CA TYR B 382 -46.88 -30.59 -4.18
C TYR B 382 -46.13 -29.30 -3.87
N LEU B 383 -45.15 -29.40 -3.00
CA LEU B 383 -44.15 -28.37 -2.84
C LEU B 383 -43.19 -28.44 -4.02
N ARG B 384 -43.30 -27.48 -4.92
CA ARG B 384 -42.63 -27.57 -6.21
C ARG B 384 -41.25 -26.93 -6.21
N GLY B 385 -40.82 -26.36 -5.11
CA GLY B 385 -39.59 -25.59 -5.12
C GLY B 385 -39.72 -24.35 -5.98
N PHE B 386 -38.58 -23.79 -6.34
CA PHE B 386 -38.53 -22.57 -7.14
C PHE B 386 -38.24 -22.97 -8.58
N LEU B 387 -39.09 -22.54 -9.50
CA LEU B 387 -38.89 -22.79 -10.94
C LEU B 387 -38.47 -21.49 -11.62
N SER B 388 -37.42 -21.57 -12.44
CA SER B 388 -36.93 -20.39 -13.14
C SER B 388 -37.89 -19.91 -14.22
N ASN B 389 -38.81 -20.77 -14.67
CA ASN B 389 -39.82 -20.35 -15.64
C ASN B 389 -41.14 -20.98 -15.28
N LEU B 390 -42.18 -20.17 -15.14
CA LEU B 390 -43.48 -20.67 -14.71
C LEU B 390 -44.52 -20.68 -15.83
N ASP B 391 -44.18 -20.13 -17.00
CA ASP B 391 -45.12 -20.00 -18.11
C ASP B 391 -45.94 -21.28 -18.30
N GLN B 392 -45.24 -22.41 -18.42
CA GLN B 392 -45.89 -23.67 -18.72
C GLN B 392 -46.80 -24.13 -17.60
N GLU B 393 -46.44 -23.79 -16.33
CA GLU B 393 -47.25 -24.16 -15.17
C GLU B 393 -48.59 -23.44 -15.12
N TYR B 394 -48.76 -22.28 -15.80
CA TYR B 394 -50.02 -21.52 -15.72
C TYR B 394 -51.11 -22.02 -16.66
N SER B 395 -50.70 -22.56 -17.82
CA SER B 395 -51.64 -23.00 -18.84
C SER B 395 -52.73 -23.91 -18.27
N ASP B 396 -52.39 -24.68 -17.24
CA ASP B 396 -53.15 -25.75 -16.62
C ASP B 396 -54.02 -25.25 -15.46
N ALA B 397 -53.81 -24.02 -15.05
CA ALA B 397 -54.10 -23.59 -13.69
C ALA B 397 -55.51 -23.05 -13.67
N TYR B 398 -56.34 -23.61 -12.81
CA TYR B 398 -57.76 -23.21 -12.65
C TYR B 398 -57.83 -21.96 -11.75
N LEU B 399 -56.90 -21.77 -10.79
CA LEU B 399 -57.08 -20.71 -9.79
C LEU B 399 -55.80 -20.52 -8.93
N SER B 400 -55.50 -19.30 -8.60
CA SER B 400 -54.41 -18.97 -7.69
C SER B 400 -54.96 -18.80 -6.28
N LEU B 401 -54.10 -19.00 -5.32
CA LEU B 401 -54.45 -18.72 -3.93
C LEU B 401 -53.46 -17.78 -3.30
N ILE B 402 -53.94 -16.65 -2.78
CA ILE B 402 -53.19 -15.78 -1.87
C ILE B 402 -53.81 -15.91 -0.46
N THR B 403 -53.12 -16.56 0.49
CA THR B 403 -53.63 -16.65 1.87
C THR B 403 -52.71 -15.98 2.91
N SER B 404 -51.98 -14.94 2.54
CA SER B 404 -50.98 -14.37 3.41
C SER B 404 -51.58 -13.31 4.36
N ASN B 405 -50.84 -12.97 5.42
CA ASN B 405 -51.34 -11.89 6.29
C ASN B 405 -50.93 -10.49 5.84
N MET B 406 -49.93 -10.38 4.98
CA MET B 406 -49.42 -9.10 4.48
C MET B 406 -48.77 -9.34 3.13
N GLU B 407 -49.06 -8.47 2.18
CA GLU B 407 -48.50 -8.60 0.85
C GLU B 407 -47.90 -7.28 0.40
N GLY B 408 -47.10 -7.38 -0.65
CA GLY B 408 -46.76 -6.24 -1.47
C GLY B 408 -47.24 -6.54 -2.88
N PHE B 409 -47.12 -5.53 -3.73
CA PHE B 409 -47.38 -5.70 -5.15
C PHE B 409 -46.66 -6.94 -5.67
N SER B 410 -47.46 -7.94 -6.07
CA SER B 410 -46.96 -9.25 -6.42
C SER B 410 -46.77 -9.33 -7.92
N LEU B 411 -45.53 -9.54 -8.35
CA LEU B 411 -45.24 -9.82 -9.76
C LEU B 411 -45.83 -11.15 -10.20
N ALA B 412 -45.98 -12.11 -9.27
CA ALA B 412 -46.52 -13.42 -9.62
C ALA B 412 -48.04 -13.35 -9.84
N LEU B 413 -48.70 -12.55 -8.99
CA LEU B 413 -50.15 -12.30 -9.11
C LEU B 413 -50.40 -11.71 -10.49
N LEU B 414 -49.63 -10.75 -10.97
CA LEU B 414 -49.87 -10.16 -12.29
C LEU B 414 -49.42 -11.11 -13.41
N GLU B 415 -48.43 -11.96 -13.16
CA GLU B 415 -48.06 -12.96 -14.14
C GLU B 415 -49.18 -13.93 -14.40
N SER B 416 -49.67 -14.54 -13.33
CA SER B 416 -50.80 -15.47 -13.38
C SER B 416 -52.03 -14.81 -14.02
N LEU B 417 -52.33 -13.59 -13.63
CA LEU B 417 -53.50 -12.94 -14.22
C LEU B 417 -53.37 -12.82 -15.72
N ALA B 418 -52.15 -12.47 -16.17
CA ALA B 418 -51.83 -12.33 -17.60
C ALA B 418 -51.99 -13.64 -18.30
N HIS B 419 -51.92 -14.73 -17.57
CA HIS B 419 -52.13 -16.05 -18.14
C HIS B 419 -53.56 -16.49 -18.00
N GLY B 420 -54.48 -15.61 -17.60
CA GLY B 420 -55.91 -15.94 -17.39
C GLY B 420 -56.20 -16.56 -16.02
N VAL B 421 -55.22 -16.95 -15.23
CA VAL B 421 -55.47 -17.68 -13.95
C VAL B 421 -56.24 -16.73 -13.01
N PRO B 422 -57.55 -16.92 -12.71
CA PRO B 422 -58.26 -16.04 -11.75
C PRO B 422 -57.70 -16.26 -10.33
N VAL B 423 -57.87 -15.36 -9.36
CA VAL B 423 -57.18 -15.42 -8.03
C VAL B 423 -58.15 -15.20 -6.85
N ILE B 424 -58.13 -16.04 -5.80
CA ILE B 424 -58.92 -15.82 -4.54
C ILE B 424 -57.88 -15.43 -3.48
N SER B 425 -57.94 -14.22 -2.90
CA SER B 425 -56.96 -13.65 -1.99
C SER B 425 -57.66 -13.12 -0.75
N TYR B 426 -56.92 -13.04 0.34
CA TYR B 426 -57.38 -12.26 1.48
C TYR B 426 -57.26 -10.80 1.07
N ASP B 427 -58.19 -9.98 1.55
CA ASP B 427 -58.10 -8.54 1.32
C ASP B 427 -57.12 -7.98 2.35
N ILE B 428 -55.90 -7.71 1.93
CA ILE B 428 -54.79 -7.42 2.84
C ILE B 428 -53.94 -6.38 2.13
N LYS B 429 -53.38 -5.47 2.92
CA LYS B 429 -52.41 -4.53 2.40
C LYS B 429 -51.10 -5.25 2.16
N TYR B 430 -50.40 -4.90 1.08
CA TYR B 430 -50.88 -4.10 -0.02
C TYR B 430 -50.77 -4.97 -1.27
N GLY B 431 -51.45 -4.63 -2.34
CA GLY B 431 -51.36 -5.42 -3.55
C GLY B 431 -52.69 -6.00 -4.00
N PRO B 432 -53.16 -7.04 -3.29
CA PRO B 432 -54.41 -7.70 -3.67
C PRO B 432 -55.51 -6.75 -4.06
N ASN B 433 -55.69 -5.66 -3.31
CA ASN B 433 -56.76 -4.73 -3.69
C ASN B 433 -56.47 -4.09 -5.03
N GLU B 434 -55.20 -3.79 -5.29
CA GLU B 434 -54.84 -3.20 -6.57
C GLU B 434 -55.26 -4.11 -7.72
N LEU B 435 -54.92 -5.38 -7.60
CA LEU B 435 -55.02 -6.29 -8.71
C LEU B 435 -56.28 -7.12 -8.71
N ILE B 436 -57.09 -7.13 -7.66
CA ILE B 436 -58.27 -8.03 -7.57
C ILE B 436 -59.56 -7.23 -7.38
N THR B 437 -60.44 -7.19 -8.37
CA THR B 437 -61.81 -6.70 -8.23
C THR B 437 -62.73 -7.93 -8.12
N SER B 438 -63.42 -8.05 -6.99
CA SER B 438 -64.24 -9.23 -6.76
C SER B 438 -65.29 -9.46 -7.84
N ASP B 439 -65.45 -10.70 -8.25
CA ASP B 439 -66.40 -11.11 -9.27
C ASP B 439 -66.02 -10.58 -10.64
N PHE B 440 -64.81 -10.02 -10.75
CA PHE B 440 -64.26 -9.63 -12.03
C PHE B 440 -63.15 -10.61 -12.41
N ASN B 441 -62.05 -10.59 -11.68
CA ASN B 441 -60.91 -11.45 -11.91
C ASN B 441 -60.67 -12.32 -10.70
N GLY B 442 -61.58 -12.34 -9.74
CA GLY B 442 -61.47 -13.25 -8.60
C GLY B 442 -62.32 -12.78 -7.43
N TYR B 443 -61.88 -13.08 -6.23
CA TYR B 443 -62.59 -12.66 -5.04
C TYR B 443 -61.58 -12.29 -3.98
N LEU B 444 -61.86 -11.20 -3.27
CA LEU B 444 -61.13 -10.81 -2.09
C LEU B 444 -61.90 -11.32 -0.89
N ILE B 445 -61.22 -12.06 -0.05
CA ILE B 445 -61.78 -12.61 1.18
C ILE B 445 -61.28 -11.80 2.37
N THR B 446 -62.16 -11.66 3.37
CA THR B 446 -61.75 -11.10 4.66
C THR B 446 -60.58 -11.88 5.25
N LYS B 447 -59.54 -11.15 5.66
CA LYS B 447 -58.32 -11.82 6.09
C LYS B 447 -58.65 -12.94 7.05
N ASN B 448 -58.05 -14.10 6.80
CA ASN B 448 -58.08 -15.31 7.63
C ASN B 448 -59.47 -15.92 7.81
N ASP B 449 -60.45 -15.46 7.07
CA ASP B 449 -61.73 -16.16 6.98
C ASP B 449 -61.55 -17.41 6.13
N GLU B 450 -61.08 -18.48 6.75
CA GLU B 450 -60.85 -19.72 6.00
C GLU B 450 -62.13 -20.39 5.51
N ASP B 451 -63.26 -20.09 6.15
CA ASP B 451 -64.53 -20.66 5.74
C ASP B 451 -65.08 -19.96 4.50
N ALA B 452 -64.92 -18.63 4.43
CA ALA B 452 -65.30 -17.91 3.22
C ALA B 452 -64.40 -18.30 2.06
N LEU B 453 -63.08 -18.43 2.33
CA LEU B 453 -62.13 -19.01 1.38
C LEU B 453 -62.58 -20.35 0.85
N PHE B 454 -62.97 -21.25 1.74
CA PHE B 454 -63.50 -22.51 1.24
C PHE B 454 -64.74 -22.31 0.40
N ASP B 455 -65.55 -21.27 0.69
CA ASP B 455 -66.82 -21.12 -0.03
C ASP B 455 -66.61 -20.58 -1.45
N LYS B 456 -65.70 -19.66 -1.61
CA LYS B 456 -65.48 -19.12 -2.94
C LYS B 456 -64.69 -20.11 -3.80
N VAL B 457 -63.72 -20.81 -3.22
CA VAL B 457 -62.98 -21.77 -4.02
C VAL B 457 -63.91 -22.85 -4.51
N LYS B 458 -64.68 -23.46 -3.62
CA LYS B 458 -65.63 -24.55 -4.00
C LYS B 458 -66.63 -24.01 -5.03
N TYR B 459 -67.15 -22.79 -4.85
CA TYR B 459 -68.14 -22.16 -5.77
C TYR B 459 -67.53 -22.09 -7.18
N VAL B 460 -66.34 -21.51 -7.30
CA VAL B 460 -65.65 -21.36 -8.62
C VAL B 460 -65.53 -22.80 -9.16
N ILE B 461 -64.92 -23.75 -8.44
CA ILE B 461 -64.69 -25.18 -8.88
C ILE B 461 -66.03 -25.79 -9.37
N ASP B 462 -67.15 -25.56 -8.68
CA ASP B 462 -68.48 -26.16 -9.02
C ASP B 462 -69.07 -25.53 -10.29
N HIS B 463 -68.74 -24.26 -10.59
CA HIS B 463 -69.26 -23.49 -11.76
C HIS B 463 -68.08 -23.12 -12.68
N PRO B 464 -67.63 -24.00 -13.60
CA PRO B 464 -66.57 -23.63 -14.55
C PRO B 464 -66.93 -22.49 -15.50
N GLU B 465 -68.21 -22.10 -15.67
CA GLU B 465 -68.56 -20.90 -16.44
C GLU B 465 -68.20 -19.63 -15.65
N VAL B 466 -68.22 -19.72 -14.31
CA VAL B 466 -67.69 -18.65 -13.47
C VAL B 466 -66.16 -18.54 -13.63
N GLN B 467 -65.45 -19.65 -13.52
CA GLN B 467 -64.00 -19.64 -13.70
C GLN B 467 -63.62 -19.14 -15.10
N GLN B 468 -64.33 -19.59 -16.14
CA GLN B 468 -64.13 -19.01 -17.47
C GLN B 468 -64.27 -17.49 -17.45
N ARG B 469 -65.26 -16.99 -16.72
CA ARG B 469 -65.63 -15.60 -16.82
C ARG B 469 -64.62 -14.77 -16.07
N LEU B 470 -64.25 -15.26 -14.89
CA LEU B 470 -63.19 -14.63 -14.13
C LEU B 470 -61.85 -14.80 -14.84
N SER B 471 -61.66 -15.84 -15.62
CA SER B 471 -60.49 -15.85 -16.48
C SER B 471 -60.53 -14.67 -17.42
N LYS B 472 -61.70 -14.38 -18.03
CA LYS B 472 -61.77 -13.26 -18.97
C LYS B 472 -61.48 -11.93 -18.26
N GLY B 473 -61.91 -11.79 -17.00
CA GLY B 473 -61.53 -10.60 -16.23
C GLY B 473 -60.05 -10.56 -15.90
N SER B 474 -59.47 -11.69 -15.61
CA SER B 474 -58.07 -11.71 -15.26
C SER B 474 -57.23 -11.12 -16.38
N LEU B 475 -57.45 -11.61 -17.59
CA LEU B 475 -56.75 -11.09 -18.74
C LEU B 475 -56.99 -9.62 -18.88
N ALA B 476 -58.18 -9.17 -18.48
CA ALA B 476 -58.52 -7.75 -18.59
C ALA B 476 -57.77 -6.93 -17.54
N LYS B 477 -57.75 -7.37 -16.29
CA LYS B 477 -56.94 -6.69 -15.30
C LYS B 477 -55.49 -6.55 -15.77
N ALA B 478 -54.90 -7.69 -16.17
CA ALA B 478 -53.52 -7.67 -16.65
C ALA B 478 -53.33 -6.62 -17.73
N GLN B 479 -54.35 -6.42 -18.57
CA GLN B 479 -54.21 -5.47 -19.68
C GLN B 479 -54.05 -4.07 -19.19
N GLN B 480 -54.53 -3.77 -17.99
CA GLN B 480 -54.44 -2.42 -17.46
C GLN B 480 -53.12 -2.13 -16.78
N TYR B 481 -52.34 -3.18 -16.51
CA TYR B 481 -50.98 -3.08 -15.98
C TYR B 481 -49.95 -3.51 -17.02
N SER B 482 -50.27 -3.30 -18.28
CA SER B 482 -49.39 -3.59 -19.40
C SER B 482 -48.07 -2.77 -19.33
N LYS B 483 -47.18 -3.13 -20.24
CA LYS B 483 -45.89 -2.44 -20.34
C LYS B 483 -46.07 -0.97 -20.76
N ALA B 484 -46.88 -0.76 -21.79
CA ALA B 484 -47.11 0.59 -22.29
C ALA B 484 -47.81 1.43 -21.24
N SER B 485 -48.75 0.84 -20.52
CA SER B 485 -49.37 1.53 -19.40
C SER B 485 -48.31 2.04 -18.41
N LEU B 486 -47.40 1.16 -18.01
CA LEU B 486 -46.37 1.52 -17.04
C LEU B 486 -45.43 2.58 -17.61
N ILE B 487 -45.11 2.47 -18.89
CA ILE B 487 -44.27 3.46 -19.56
C ILE B 487 -44.90 4.84 -19.46
N LYS B 488 -46.17 4.95 -19.82
CA LYS B 488 -46.82 6.26 -19.74
C LYS B 488 -46.68 6.89 -18.36
N GLN B 489 -46.82 6.08 -17.29
CA GLN B 489 -46.75 6.63 -15.93
C GLN B 489 -45.32 7.10 -15.63
N TRP B 490 -44.34 6.26 -15.96
CA TRP B 490 -42.94 6.65 -15.74
C TRP B 490 -42.62 7.92 -16.50
N ASP B 491 -42.98 7.98 -17.79
CA ASP B 491 -42.60 9.11 -18.65
C ASP B 491 -43.16 10.40 -18.10
N GLN B 492 -44.43 10.40 -17.70
CA GLN B 492 -45.03 11.62 -17.17
C GLN B 492 -44.49 11.96 -15.77
N PHE B 493 -44.30 10.96 -14.90
CA PHE B 493 -43.73 11.28 -13.60
C PHE B 493 -42.36 11.93 -13.74
N VAL B 494 -41.45 11.35 -14.52
CA VAL B 494 -40.05 11.86 -14.69
C VAL B 494 -40.15 13.26 -15.32
N ARG B 495 -41.09 13.54 -16.22
CA ARG B 495 -41.15 14.85 -16.94
C ARG B 495 -41.74 15.90 -15.98
N LEU B 496 -42.72 15.57 -15.14
CA LEU B 496 -43.22 16.52 -14.14
C LEU B 496 -42.23 16.71 -12.99
N ILE B 497 -41.60 15.63 -12.53
CA ILE B 497 -40.67 15.77 -11.42
C ILE B 497 -39.54 16.73 -11.76
N LEU B 498 -39.01 16.64 -13.00
CA LEU B 498 -37.94 17.53 -13.42
C LEU B 498 -38.46 18.92 -13.68
N GLU B 499 -39.67 19.05 -14.20
CA GLU B 499 -40.23 20.38 -14.43
C GLU B 499 -40.36 21.16 -13.13
N HIS B 500 -41.01 20.56 -12.12
CA HIS B 500 -41.14 21.18 -10.80
C HIS B 500 -39.80 21.40 -10.13
N HIS B 501 -38.81 20.54 -10.38
CA HIS B 501 -37.49 20.71 -9.77
C HIS B 501 -36.77 21.93 -10.33
N HIS B 502 -36.64 22.00 -11.66
CA HIS B 502 -36.15 23.17 -12.39
C HIS B 502 -37.30 24.11 -12.74
N SER C 2 3.34 15.42 18.42
CA SER C 2 2.66 14.11 18.14
C SER C 2 2.22 14.02 16.65
N ASP C 3 2.06 15.14 15.95
CA ASP C 3 1.60 15.20 14.53
C ASP C 3 2.83 15.33 13.62
N SER C 4 3.94 15.84 14.14
CA SER C 4 5.24 15.91 13.42
C SER C 4 6.00 14.64 13.78
N ASP C 5 7.10 14.33 13.10
CA ASP C 5 7.96 13.17 13.50
C ASP C 5 9.43 13.64 13.38
N SER D 2 -5.21 -19.22 10.04
CA SER D 2 -3.73 -19.34 10.07
C SER D 2 -3.27 -20.30 8.97
N ASP D 3 -3.78 -20.15 7.75
CA ASP D 3 -3.40 -21.00 6.59
C ASP D 3 -3.79 -20.31 5.27
N1 UDP E . 41.03 16.52 9.33
C2 UDP E . 40.81 17.90 9.28
N3 UDP E . 40.73 18.64 10.38
C4 UDP E . 40.87 18.08 11.58
C5 UDP E . 41.10 16.71 11.70
C6 UDP E . 41.19 15.94 10.54
O2 UDP E . 40.67 18.50 8.18
O4 UDP E . 40.79 18.82 12.58
C1' UDP E . 41.14 15.75 8.08
C2' UDP E . 42.58 15.61 7.62
O2' UDP E . 43.08 16.79 6.96
C3' UDP E . 42.53 14.37 6.72
C4' UDP E . 41.26 13.61 7.16
O4' UDP E . 40.67 14.40 8.19
O3' UDP E . 42.54 14.76 5.34
C5' UDP E . 41.51 12.18 7.66
O5' UDP E . 42.46 12.22 8.72
PA UDP E . 42.66 11.00 9.72
O1A UDP E . 43.68 11.40 10.75
O2A UDP E . 42.86 9.76 8.89
O3A UDP E . 41.21 11.00 10.43
PB UDP E . 40.56 9.75 11.22
O1B UDP E . 41.67 9.35 12.17
O2B UDP E . 40.23 8.75 10.15
O3B UDP E . 39.35 10.34 11.90
N1 UDP F . -41.17 -16.89 -8.98
C2 UDP F . -40.72 -17.93 -9.83
N3 UDP F . -40.81 -19.19 -9.44
C4 UDP F . -41.32 -19.51 -8.26
C5 UDP F . -41.77 -18.52 -7.40
C6 UDP F . -41.68 -17.20 -7.78
O2 UDP F . -40.24 -17.68 -10.96
O4 UDP F . -41.38 -20.70 -7.96
C1' UDP F . -41.07 -15.48 -9.41
C2' UDP F . -42.40 -14.93 -9.90
O2' UDP F . -42.54 -15.14 -11.31
C3' UDP F . -42.35 -13.46 -9.50
C4' UDP F . -41.36 -13.43 -8.33
O4' UDP F . -40.67 -14.67 -8.32
O3' UDP F . -41.94 -12.69 -10.63
C5' UDP F . -42.02 -13.22 -6.96
O5' UDP F . -42.51 -11.90 -6.89
PA UDP F . -43.30 -11.42 -5.59
O1A UDP F . -43.46 -9.92 -5.67
O2A UDP F . -44.48 -12.33 -5.44
O3A UDP F . -42.26 -11.72 -4.40
PB UDP F . -42.76 -12.06 -2.90
O1B UDP F . -41.48 -11.96 -2.11
O2B UDP F . -43.30 -13.46 -2.97
O3B UDP F . -43.77 -10.99 -2.58
#